data_9C9X
#
_entry.id   9C9X
#
_cell.length_a   1.00
_cell.length_b   1.00
_cell.length_c   1.00
_cell.angle_alpha   90.00
_cell.angle_beta   90.00
_cell.angle_gamma   90.00
#
_symmetry.space_group_name_H-M   'P 1'
#
loop_
_entity.id
_entity.type
_entity.pdbx_description
1 polymer 'Histone H3'
2 polymer 'Histone H4'
3 polymer 'Histone H2A'
4 polymer 'Histone H2B 1.1'
5 polymer 'DNA (227-MER)'
6 polymer 'DNA (227-MER)'
#
loop_
_entity_poly.entity_id
_entity_poly.type
_entity_poly.pdbx_seq_one_letter_code
_entity_poly.pdbx_strand_id
1 'polypeptide(L)'
;MARTKQTARKSTGGKAPRKQLATKAARKSAPATGGVKKPHRYRPGTVALREIRRYQKSTELLIRKLPFQRLVREIAQDFK
TDLRFQSSAVMALQEASEAYLVALFEDTNLAAIHAKRVTIMPKDIQLARRIRGERA
;
A,E
2 'polypeptide(L)'
;MSGRGKGGKGLGKGGAKRHRKVLRDNIQGITKPAIRRLARRGGVKRISGLIYEETRGVLKVFLENVIRDAVTYTEHAKRK
TVTAMDVVYALKRQGRTLYGFGG
;
B,F
3 'polypeptide(L)'
;MSGRGKQGGKTRAKAKTRSSRAGLQFPVGRVHRLLRKGNYAERVGAGAPVYLAAVLEYLTAEILELAGNAARDNKKTRII
PRHLQLAVRNDEELNKLLGRVTIAQGGVLPNIQSVLLPKKTESSKSAKSK
;
C,G
4 'polypeptide(L)'
;MAKSAPAPKKGSKKAVTKTQKKDGKKRRKTRKESYAIYVYKVLKQVHPDTGISSKAMSIMNSFVNDVFERIAGEASRLAH
YNKRSTITSREIQTAVRLLLPGELAKHAVSEGTKAVTKYTSAK
;
D,H
5 'polydeoxyribonucleotide'
;(DC)(DT)(DG)(DG)(DA)(DG)(DA)(DA)(DT)(DC)(DC)(DC)(DG)(DG)(DT)(DG)(DC)(DC)(DG)(DA)
(DG)(DG)(DC)(DC)(DG)(DC)(DT)(DC)(DA)(DA)(DT)(DT)(DG)(DG)(DT)(DC)(DG)(DT)(DA)(DG)
(DA)(DC)(DA)(DG)(DC)(DT)(DC)(DT)(DA)(DG)(DC)(DA)(DC)(DC)(DG)(DC)(DT)(DT)(DA)(DA)
(DA)(DC)(DG)(DC)(DA)(DC)(DG)(DT)(DA)(DC)(DG)(DC)(DG)(DC)(DT)(DG)(DT)(DC)(DC)(DC)
(DC)(DC)(DG)(DC)(DG)(DT)(DT)(DT)(DT)(DA)(DA)(DC)(DC)(DG)(DC)(DC)(DA)(DA)(DG)(DG)
(DG)(DG)(DA)(DT)(DT)(DA)(DC)(DT)(DC)(DC)(DC)(DT)(DA)(DG)(DT)(DC)(DT)(DC)(DC)(DA)
(DG)(DG)(DC)(DA)(DC)(DG)(DT)(DG)(DT)(DC)(DA)(DG)(DA)(DT)(DA)(DT)(DA)(DT)(DA)(DC)
(DA)(DT)(DC)(DC)(DT)(DG)(DT)(DG)(DC)(DA)(DT)(DG)(DT)(DA)(DT)(DT)(DG)(DA)(DA)(DC)
(DA)(DG)(DC)(DG)(DA)(DC)(DC)(DT)(DT)(DG)(DC)(DC)(DG)(DG)(DT)(DG)(DC)(DC)(DA)(DG)
(DT)(DC)(DG)(DG)(DA)(DT)(DA)(DG)(DT)(DG)(DT)(DT)(DC)(DC)(DG)(DA)(DG)(DC)(DT)(DC)
(DC)(DC)(DA)(DC)(DT)(DC)(DT)(DA)(DG)(DA)(DG)(DG)(DA)(DT)(DC)(DC)(DC)(DC)(DG)(DG)
(DG)(DT)(DA)(DC)(DC)(DG)(DA)
;
I
6 'polydeoxyribonucleotide'
;(DT)(DC)(DG)(DG)(DT)(DA)(DC)(DC)(DC)(DG)(DG)(DG)(DG)(DA)(DT)(DC)(DC)(DT)(DC)(DT)
(DA)(DG)(DA)(DG)(DT)(DG)(DG)(DG)(DA)(DG)(DC)(DT)(DC)(DG)(DG)(DA)(DA)(DC)(DA)(DC)
(DT)(DA)(DT)(DC)(DC)(DG)(DA)(DC)(DT)(DG)(DG)(DC)(DA)(DC)(DC)(DG)(DG)(DC)(DA)(DA)
(DG)(DG)(DT)(DC)(DG)(DC)(DT)(DG)(DT)(DT)(DC)(DA)(DA)(DT)(DA)(DC)(DA)(DT)(DG)(DC)
(DA)(DC)(DA)(DG)(DG)(DA)(DT)(DG)(DT)(DA)(DT)(DA)(DT)(DA)(DT)(DC)(DT)(DG)(DA)(DC)
(DA)(DC)(DG)(DT)(DG)(DC)(DC)(DT)(DG)(DG)(DA)(DG)(DA)(DC)(DT)(DA)(DG)(DG)(DG)(DA)
(DG)(DT)(DA)(DA)(DT)(DC)(DC)(DC)(DC)(DT)(DT)(DG)(DG)(DC)(DG)(DG)(DT)(DT)(DA)(DA)
(DA)(DA)(DC)(DG)(DC)(DG)(DG)(DG)(DG)(DG)(DA)(DC)(DA)(DG)(DC)(DG)(DC)(DG)(DT)(DA)
(DC)(DG)(DT)(DG)(DC)(DG)(DT)(DT)(DT)(DA)(DA)(DG)(DC)(DG)(DG)(DT)(DG)(DC)(DT)(DA)
(DG)(DA)(DG)(DC)(DT)(DG)(DT)(DC)(DT)(DA)(DC)(DG)(DA)(DC)(DC)(DA)(DA)(DT)(DT)(DG)
(DA)(DG)(DC)(DG)(DG)(DC)(DC)(DT)(DC)(DG)(DG)(DC)(DA)(DC)(DC)(DG)(DG)(DG)(DA)(DT)
(DT)(DC)(DT)(DC)(DC)(DA)(DG)
;
J
#
# COMPACT_ATOMS: atom_id res chain seq x y z
N TYR A 42 0.35 -41.30 -26.05
CA TYR A 42 1.38 -40.89 -25.10
C TYR A 42 2.06 -39.60 -25.55
N ARG A 43 1.36 -38.49 -25.40
CA ARG A 43 1.95 -37.19 -25.75
C ARG A 43 3.00 -36.79 -24.71
N PRO A 44 4.14 -36.24 -25.13
CA PRO A 44 5.26 -36.07 -24.19
C PRO A 44 5.10 -34.95 -23.18
N GLY A 45 4.63 -33.78 -23.60
CA GLY A 45 4.56 -32.65 -22.68
C GLY A 45 3.39 -31.70 -22.86
N THR A 46 2.42 -32.07 -23.70
CA THR A 46 1.31 -31.18 -24.02
C THR A 46 0.11 -31.36 -23.11
N VAL A 47 0.17 -32.30 -22.16
CA VAL A 47 -0.89 -32.42 -21.16
C VAL A 47 -0.88 -31.22 -20.23
N ALA A 48 0.32 -30.73 -19.88
CA ALA A 48 0.46 -29.60 -18.97
C ALA A 48 -0.10 -28.31 -19.57
N LEU A 49 0.10 -28.10 -20.88
CA LEU A 49 -0.47 -26.94 -21.55
C LEU A 49 -1.99 -27.01 -21.60
N ARG A 50 -2.52 -28.22 -21.78
CA ARG A 50 -3.96 -28.43 -21.74
C ARG A 50 -4.53 -28.12 -20.35
N GLU A 51 -3.80 -28.53 -19.30
CA GLU A 51 -4.21 -28.21 -17.94
C GLU A 51 -4.14 -26.71 -17.68
N ILE A 52 -3.13 -26.04 -18.25
CA ILE A 52 -3.00 -24.59 -18.13
C ILE A 52 -4.20 -23.88 -18.76
N ARG A 53 -4.55 -24.31 -19.98
CA ARG A 53 -5.68 -23.70 -20.69
C ARG A 53 -7.00 -23.98 -20.00
N ARG A 54 -7.16 -25.19 -19.45
CA ARG A 54 -8.38 -25.54 -18.73
C ARG A 54 -8.53 -24.72 -17.45
N TYR A 55 -7.46 -24.59 -16.67
CA TYR A 55 -7.58 -23.91 -15.39
C TYR A 55 -7.61 -22.39 -15.52
N GLN A 56 -6.95 -21.81 -16.53
CA GLN A 56 -7.15 -20.38 -16.77
C GLN A 56 -8.47 -20.09 -17.48
N LYS A 57 -9.06 -21.06 -18.17
CA LYS A 57 -10.37 -20.82 -18.77
C LYS A 57 -11.47 -20.84 -17.73
N SER A 58 -11.42 -21.76 -16.78
CA SER A 58 -12.44 -21.91 -15.76
C SER A 58 -12.06 -21.16 -14.48
N THR A 59 -12.99 -21.13 -13.52
CA THR A 59 -12.80 -20.29 -12.34
C THR A 59 -13.26 -20.92 -11.03
N GLU A 60 -13.26 -22.24 -10.91
CA GLU A 60 -13.70 -22.87 -9.67
C GLU A 60 -12.61 -22.80 -8.62
N LEU A 61 -12.89 -23.35 -7.45
CA LEU A 61 -11.94 -23.30 -6.34
C LEU A 61 -10.94 -24.45 -6.51
N LEU A 62 -9.65 -24.13 -6.42
CA LEU A 62 -8.63 -25.13 -6.71
C LEU A 62 -8.20 -25.94 -5.50
N ILE A 63 -7.98 -25.30 -4.36
CA ILE A 63 -7.56 -25.99 -3.15
C ILE A 63 -8.73 -26.76 -2.57
N ARG A 64 -8.47 -28.02 -2.18
CA ARG A 64 -9.52 -28.90 -1.68
C ARG A 64 -10.03 -28.40 -0.34
N LYS A 65 -11.36 -28.46 -0.14
CA LYS A 65 -12.06 -27.68 0.86
C LYS A 65 -11.72 -27.98 2.32
N LEU A 66 -12.06 -29.18 2.80
CA LEU A 66 -11.90 -29.57 4.21
C LEU A 66 -10.46 -29.57 4.76
N PRO A 67 -9.41 -30.00 4.02
CA PRO A 67 -8.05 -29.79 4.55
C PRO A 67 -7.69 -28.33 4.77
N PHE A 68 -8.12 -27.44 3.88
CA PHE A 68 -7.95 -26.01 4.12
C PHE A 68 -8.77 -25.56 5.32
N GLN A 69 -10.01 -26.06 5.44
CA GLN A 69 -10.93 -25.64 6.50
C GLN A 69 -10.43 -26.07 7.88
N ARG A 70 -9.71 -27.18 7.94
CA ARG A 70 -9.09 -27.62 9.17
C ARG A 70 -7.70 -27.02 9.40
N LEU A 71 -7.02 -26.58 8.35
CA LEU A 71 -5.74 -25.90 8.50
C LEU A 71 -5.95 -24.48 9.07
N VAL A 72 -7.05 -23.84 8.67
CA VAL A 72 -7.49 -22.59 9.33
C VAL A 72 -7.73 -22.82 10.83
N ARG A 73 -8.32 -23.96 11.19
CA ARG A 73 -8.54 -24.26 12.61
C ARG A 73 -7.22 -24.47 13.34
N GLU A 74 -6.25 -25.16 12.70
CA GLU A 74 -4.94 -25.35 13.32
C GLU A 74 -4.21 -24.05 13.56
N ILE A 75 -4.24 -23.13 12.58
CA ILE A 75 -3.55 -21.86 12.79
C ILE A 75 -4.31 -21.00 13.81
N ALA A 76 -5.64 -21.04 13.78
CA ALA A 76 -6.42 -20.23 14.71
C ALA A 76 -6.35 -20.73 16.15
N GLN A 77 -6.03 -22.01 16.37
CA GLN A 77 -5.81 -22.48 17.74
C GLN A 77 -4.56 -21.88 18.38
N ASP A 78 -3.62 -21.38 17.58
CA ASP A 78 -2.38 -20.83 18.12
C ASP A 78 -2.59 -19.47 18.79
N PHE A 79 -3.63 -18.73 18.39
CA PHE A 79 -3.87 -17.39 18.92
C PHE A 79 -4.89 -17.41 20.06
N LYS A 80 -6.10 -17.91 19.80
CA LYS A 80 -7.09 -18.10 20.85
C LYS A 80 -7.71 -19.48 20.68
N THR A 81 -7.83 -20.21 21.78
CA THR A 81 -8.41 -21.54 21.75
C THR A 81 -9.93 -21.48 21.54
N ASP A 82 -10.52 -22.67 21.35
CA ASP A 82 -11.93 -23.02 21.07
C ASP A 82 -12.67 -21.97 20.25
N LEU A 83 -12.14 -21.67 19.07
CA LEU A 83 -12.69 -20.61 18.22
C LEU A 83 -13.74 -21.17 17.28
N ARG A 84 -14.89 -20.51 17.23
CA ARG A 84 -15.92 -20.83 16.25
C ARG A 84 -15.64 -20.08 14.96
N PHE A 85 -16.07 -20.67 13.84
CA PHE A 85 -15.80 -20.11 12.53
C PHE A 85 -17.05 -20.08 11.69
N GLN A 86 -17.34 -18.95 11.07
CA GLN A 86 -18.37 -18.89 10.05
C GLN A 86 -17.90 -19.64 8.82
N SER A 87 -18.85 -20.27 8.11
CA SER A 87 -18.54 -20.96 6.87
C SER A 87 -18.07 -19.98 5.80
N SER A 88 -18.73 -18.81 5.72
CA SER A 88 -18.34 -17.78 4.76
C SER A 88 -16.99 -17.16 5.08
N ALA A 89 -16.54 -17.25 6.34
CA ALA A 89 -15.21 -16.75 6.70
C ALA A 89 -14.11 -17.57 6.03
N VAL A 90 -14.17 -18.89 6.15
CA VAL A 90 -13.18 -19.73 5.48
C VAL A 90 -13.44 -19.80 3.98
N MET A 91 -14.69 -19.54 3.55
CA MET A 91 -14.99 -19.44 2.13
C MET A 91 -14.27 -18.24 1.51
N ALA A 92 -14.24 -17.11 2.22
CA ALA A 92 -13.49 -15.96 1.78
C ALA A 92 -11.99 -16.18 1.91
N LEU A 93 -11.57 -16.91 2.96
CA LEU A 93 -10.15 -17.15 3.20
C LEU A 93 -9.52 -18.02 2.11
N GLN A 94 -10.28 -18.98 1.57
CA GLN A 94 -9.73 -19.85 0.53
C GLN A 94 -9.45 -19.08 -0.76
N GLU A 95 -10.40 -18.24 -1.16
CA GLU A 95 -10.22 -17.40 -2.35
C GLU A 95 -9.22 -16.28 -2.09
N ALA A 96 -9.01 -15.91 -0.82
CA ALA A 96 -7.93 -14.98 -0.50
C ALA A 96 -6.57 -15.65 -0.64
N SER A 97 -6.45 -16.89 -0.17
CA SER A 97 -5.16 -17.57 -0.16
C SER A 97 -4.71 -17.97 -1.56
N GLU A 98 -5.59 -18.61 -2.34
CA GLU A 98 -5.08 -19.13 -3.60
C GLU A 98 -4.96 -18.07 -4.69
N ALA A 99 -5.62 -16.92 -4.55
CA ALA A 99 -5.36 -15.82 -5.47
C ALA A 99 -3.96 -15.26 -5.28
N TYR A 100 -3.55 -15.11 -4.02
CA TYR A 100 -2.17 -14.76 -3.69
C TYR A 100 -1.20 -15.83 -4.19
N LEU A 101 -1.58 -17.10 -4.06
CA LEU A 101 -0.74 -18.20 -4.51
C LEU A 101 -0.56 -18.18 -6.03
N VAL A 102 -1.61 -17.92 -6.80
CA VAL A 102 -1.45 -17.95 -8.25
C VAL A 102 -0.79 -16.67 -8.76
N ALA A 103 -0.93 -15.54 -8.05
CA ALA A 103 -0.14 -14.36 -8.38
C ALA A 103 1.35 -14.61 -8.13
N LEU A 104 1.66 -15.31 -7.03
CA LEU A 104 3.04 -15.70 -6.73
C LEU A 104 3.56 -16.67 -7.79
N PHE A 105 2.72 -17.60 -8.23
CA PHE A 105 3.16 -18.56 -9.24
C PHE A 105 3.38 -17.90 -10.60
N GLU A 106 2.59 -16.88 -10.93
CA GLU A 106 2.87 -16.05 -12.10
C GLU A 106 4.22 -15.35 -11.97
N ASP A 107 4.52 -14.85 -10.76
CA ASP A 107 5.77 -14.13 -10.53
C ASP A 107 6.98 -15.06 -10.65
N THR A 108 6.94 -16.25 -10.05
CA THR A 108 8.05 -17.18 -10.21
C THR A 108 8.08 -17.80 -11.61
N ASN A 109 6.97 -17.84 -12.33
CA ASN A 109 7.02 -18.19 -13.75
C ASN A 109 7.81 -17.17 -14.53
N LEU A 110 7.58 -15.88 -14.27
CA LEU A 110 8.35 -14.82 -14.93
C LEU A 110 9.82 -14.89 -14.54
N ALA A 111 10.11 -15.20 -13.28
CA ALA A 111 11.50 -15.36 -12.84
C ALA A 111 12.19 -16.55 -13.51
N ALA A 112 11.47 -17.66 -13.67
CA ALA A 112 12.04 -18.84 -14.31
C ALA A 112 12.24 -18.62 -15.80
N ILE A 113 11.36 -17.85 -16.45
CA ILE A 113 11.58 -17.49 -17.85
C ILE A 113 12.78 -16.55 -17.98
N HIS A 114 12.93 -15.63 -17.02
CA HIS A 114 14.09 -14.74 -17.01
C HIS A 114 15.39 -15.50 -16.77
N ALA A 115 15.33 -16.64 -16.08
CA ALA A 115 16.50 -17.46 -15.84
C ALA A 115 16.79 -18.44 -16.98
N LYS A 116 16.19 -18.23 -18.16
CA LYS A 116 16.33 -19.08 -19.36
C LYS A 116 15.99 -20.54 -19.07
N ARG A 117 14.93 -20.76 -18.28
CA ARG A 117 14.45 -22.10 -17.99
C ARG A 117 12.95 -22.14 -18.16
N VAL A 118 12.39 -23.35 -18.10
CA VAL A 118 10.95 -23.55 -18.08
C VAL A 118 10.47 -24.22 -16.81
N THR A 119 11.37 -24.72 -15.97
CA THR A 119 11.01 -25.38 -14.72
C THR A 119 11.26 -24.42 -13.56
N ILE A 120 10.29 -24.29 -12.68
CA ILE A 120 10.41 -23.39 -11.53
C ILE A 120 11.11 -24.12 -10.39
N MET A 121 12.01 -23.41 -9.72
CA MET A 121 12.72 -23.93 -8.56
C MET A 121 12.32 -23.07 -7.36
N PRO A 122 12.65 -23.45 -6.12
CA PRO A 122 12.42 -22.55 -4.99
C PRO A 122 13.18 -21.23 -5.05
N LYS A 123 14.31 -21.16 -5.78
CA LYS A 123 15.07 -19.92 -5.89
C LYS A 123 14.26 -18.81 -6.57
N ASP A 124 13.40 -19.18 -7.52
CA ASP A 124 12.43 -18.25 -8.07
C ASP A 124 11.40 -17.82 -7.02
N ILE A 125 11.09 -18.68 -6.06
CA ILE A 125 10.11 -18.32 -5.03
C ILE A 125 10.69 -17.25 -4.10
N GLN A 126 11.94 -17.41 -3.62
CA GLN A 126 12.45 -16.33 -2.78
C GLN A 126 12.82 -15.09 -3.61
N LEU A 127 13.10 -15.27 -4.91
CA LEU A 127 13.15 -14.14 -5.83
C LEU A 127 11.86 -13.33 -5.78
N ALA A 128 10.73 -14.02 -5.96
CA ALA A 128 9.43 -13.34 -6.02
C ALA A 128 9.09 -12.67 -4.69
N ARG A 129 9.38 -13.35 -3.58
CA ARG A 129 9.02 -12.81 -2.27
C ARG A 129 9.89 -11.62 -1.88
N ARG A 130 11.20 -11.67 -2.13
CA ARG A 130 12.02 -10.56 -1.69
C ARG A 130 11.80 -9.38 -2.64
N ILE A 131 11.72 -9.64 -3.95
CA ILE A 131 11.64 -8.58 -4.94
C ILE A 131 10.29 -7.87 -4.85
N ARG A 132 9.20 -8.63 -4.67
CA ARG A 132 7.90 -7.99 -4.50
C ARG A 132 7.71 -7.34 -3.14
N GLY A 133 8.55 -7.68 -2.15
CA GLY A 133 8.55 -6.94 -0.90
C GLY A 133 8.11 -7.68 0.34
N GLU A 134 8.37 -8.99 0.41
CA GLU A 134 8.11 -9.75 1.62
C GLU A 134 9.20 -10.78 1.88
N ASP B 25 -0.43 -32.79 10.99
CA ASP B 25 0.08 -32.78 9.63
C ASP B 25 -1.01 -32.39 8.63
N ASN B 26 -1.87 -31.45 9.03
CA ASN B 26 -2.96 -31.04 8.16
C ASN B 26 -2.52 -29.95 7.20
N ILE B 27 -1.30 -29.43 7.39
CA ILE B 27 -0.69 -28.57 6.38
C ILE B 27 -0.41 -29.38 5.12
N GLN B 28 -0.08 -30.67 5.28
CA GLN B 28 0.03 -31.64 4.19
C GLN B 28 -1.31 -31.98 3.55
N GLY B 29 -2.42 -31.58 4.16
CA GLY B 29 -3.74 -31.75 3.56
C GLY B 29 -3.90 -30.90 2.33
N ILE B 30 -3.20 -29.77 2.28
CA ILE B 30 -2.99 -29.08 1.00
C ILE B 30 -2.02 -30.00 0.27
N THR B 31 -2.50 -30.61 -0.80
CA THR B 31 -1.90 -31.87 -1.23
C THR B 31 -1.08 -31.71 -2.50
N LYS B 32 -0.45 -32.82 -2.89
CA LYS B 32 0.49 -32.89 -4.01
C LYS B 32 -0.07 -32.35 -5.34
N PRO B 33 -1.28 -32.65 -5.80
CA PRO B 33 -1.77 -31.97 -7.00
C PRO B 33 -2.44 -30.63 -6.78
N ALA B 34 -2.60 -30.16 -5.53
CA ALA B 34 -3.21 -28.85 -5.31
C ALA B 34 -2.27 -27.72 -5.71
N ILE B 35 -0.99 -27.83 -5.35
CA ILE B 35 0.04 -26.91 -5.86
C ILE B 35 0.16 -27.01 -7.37
N ARG B 36 0.02 -28.23 -7.91
CA ARG B 36 0.07 -28.41 -9.36
C ARG B 36 -1.09 -27.69 -10.06
N ARG B 37 -2.30 -27.79 -9.51
CA ARG B 37 -3.45 -27.10 -10.09
C ARG B 37 -3.31 -25.58 -9.96
N LEU B 38 -2.81 -25.10 -8.82
CA LEU B 38 -2.61 -23.67 -8.63
C LEU B 38 -1.52 -23.13 -9.55
N ALA B 39 -0.50 -23.94 -9.84
CA ALA B 39 0.54 -23.52 -10.78
C ALA B 39 0.07 -23.57 -12.23
N ARG B 40 -0.80 -24.54 -12.56
CA ARG B 40 -1.38 -24.58 -13.89
C ARG B 40 -2.32 -23.40 -14.11
N ARG B 41 -3.04 -22.98 -13.06
CA ARG B 41 -3.80 -21.72 -13.13
C ARG B 41 -2.87 -20.53 -13.29
N GLY B 42 -1.72 -20.56 -12.63
CA GLY B 42 -0.74 -19.49 -12.73
C GLY B 42 0.08 -19.49 -13.99
N GLY B 43 -0.11 -20.45 -14.88
CA GLY B 43 0.61 -20.46 -16.14
C GLY B 43 1.99 -21.05 -16.06
N VAL B 44 2.18 -22.11 -15.27
CA VAL B 44 3.48 -22.75 -15.10
C VAL B 44 3.38 -24.16 -15.66
N LYS B 45 4.29 -24.50 -16.57
CA LYS B 45 4.26 -25.81 -17.22
C LYS B 45 5.00 -26.87 -16.42
N ARG B 46 6.30 -26.69 -16.21
CA ARG B 46 7.13 -27.64 -15.49
C ARG B 46 7.43 -27.11 -14.10
N ILE B 47 7.22 -27.94 -13.09
CA ILE B 47 7.44 -27.59 -11.70
C ILE B 47 8.40 -28.63 -11.09
N SER B 48 9.18 -28.20 -10.10
CA SER B 48 10.12 -29.10 -9.47
C SER B 48 9.46 -29.97 -8.40
N GLY B 49 10.16 -31.03 -8.01
CA GLY B 49 9.67 -31.89 -6.95
C GLY B 49 9.93 -31.38 -5.54
N LEU B 50 10.79 -30.39 -5.38
CA LEU B 50 11.04 -29.80 -4.08
C LEU B 50 10.30 -28.48 -3.88
N ILE B 51 9.37 -28.16 -4.78
CA ILE B 51 8.65 -26.89 -4.68
C ILE B 51 7.55 -26.91 -3.63
N TYR B 52 7.08 -28.09 -3.21
CA TYR B 52 5.84 -28.20 -2.45
C TYR B 52 5.99 -27.72 -1.01
N GLU B 53 7.11 -28.08 -0.36
CA GLU B 53 7.35 -27.65 1.02
C GLU B 53 7.51 -26.13 1.11
N GLU B 54 8.13 -25.53 0.09
CA GLU B 54 8.35 -24.08 0.10
C GLU B 54 7.04 -23.32 -0.05
N THR B 55 6.17 -23.73 -0.98
CA THR B 55 4.91 -23.01 -1.14
C THR B 55 3.94 -23.34 0.00
N ARG B 56 4.08 -24.52 0.61
CA ARG B 56 3.33 -24.79 1.84
C ARG B 56 3.78 -23.85 2.96
N GLY B 57 5.08 -23.56 3.03
CA GLY B 57 5.56 -22.59 3.98
C GLY B 57 5.07 -21.17 3.73
N VAL B 58 5.05 -20.76 2.45
CA VAL B 58 4.59 -19.39 2.17
C VAL B 58 3.07 -19.27 2.36
N LEU B 59 2.31 -20.34 2.09
CA LEU B 59 0.88 -20.32 2.35
C LEU B 59 0.60 -20.33 3.85
N LYS B 60 1.41 -21.07 4.61
CA LYS B 60 1.28 -21.08 6.06
C LYS B 60 1.58 -19.70 6.66
N VAL B 61 2.65 -19.04 6.22
CA VAL B 61 2.99 -17.75 6.82
C VAL B 61 2.01 -16.66 6.37
N PHE B 62 1.46 -16.77 5.16
CA PHE B 62 0.37 -15.87 4.74
C PHE B 62 -0.88 -16.09 5.60
N LEU B 63 -1.19 -17.34 5.91
CA LEU B 63 -2.38 -17.62 6.70
C LEU B 63 -2.23 -17.16 8.15
N GLU B 64 -1.05 -17.33 8.76
CA GLU B 64 -0.88 -16.73 10.09
C GLU B 64 -0.72 -15.21 10.04
N ASN B 65 -0.36 -14.64 8.90
CA ASN B 65 -0.34 -13.18 8.82
C ASN B 65 -1.75 -12.60 8.74
N VAL B 66 -2.68 -13.30 8.08
CA VAL B 66 -4.03 -12.79 7.93
C VAL B 66 -4.93 -13.20 9.10
N ILE B 67 -4.81 -14.46 9.54
CA ILE B 67 -5.69 -15.04 10.53
C ILE B 67 -5.49 -14.38 11.89
N ARG B 68 -4.25 -14.01 12.22
CA ARG B 68 -3.95 -13.29 13.46
C ARG B 68 -4.66 -11.95 13.51
N ASP B 69 -4.62 -11.20 12.40
CA ASP B 69 -5.31 -9.91 12.34
C ASP B 69 -6.81 -10.08 12.44
N ALA B 70 -7.34 -11.14 11.81
CA ALA B 70 -8.76 -11.47 11.97
C ALA B 70 -9.10 -11.85 13.41
N VAL B 71 -8.17 -12.51 14.11
CA VAL B 71 -8.39 -12.92 15.50
C VAL B 71 -8.44 -11.70 16.43
N THR B 72 -7.53 -10.74 16.24
CA THR B 72 -7.62 -9.52 17.05
C THR B 72 -8.83 -8.66 16.68
N TYR B 73 -9.24 -8.67 15.40
CA TYR B 73 -10.47 -7.98 15.02
C TYR B 73 -11.69 -8.61 15.68
N THR B 74 -11.71 -9.94 15.78
CA THR B 74 -12.79 -10.62 16.50
C THR B 74 -12.72 -10.35 18.00
N GLU B 75 -11.49 -10.35 18.55
CA GLU B 75 -11.27 -10.18 19.98
C GLU B 75 -11.66 -8.79 20.46
N HIS B 76 -11.52 -7.77 19.60
CA HIS B 76 -11.89 -6.43 20.01
C HIS B 76 -13.41 -6.29 20.16
N ALA B 77 -14.18 -7.08 19.41
CA ALA B 77 -15.63 -6.98 19.41
C ALA B 77 -16.29 -7.78 20.52
N LYS B 78 -15.48 -8.33 21.45
CA LYS B 78 -15.94 -9.25 22.52
C LYS B 78 -16.69 -10.45 21.94
N ARG B 79 -16.20 -10.94 20.81
CA ARG B 79 -16.82 -12.03 20.08
C ARG B 79 -15.89 -13.23 20.11
N LYS B 80 -16.46 -14.43 20.02
CA LYS B 80 -15.68 -15.66 19.96
C LYS B 80 -15.98 -16.48 18.71
N THR B 81 -16.61 -15.87 17.71
CA THR B 81 -16.70 -16.46 16.39
C THR B 81 -16.15 -15.48 15.36
N VAL B 82 -15.50 -16.02 14.34
CA VAL B 82 -14.88 -15.21 13.30
C VAL B 82 -15.81 -15.16 12.10
N THR B 83 -16.27 -13.96 11.77
CA THR B 83 -17.11 -13.79 10.59
C THR B 83 -16.22 -13.60 9.37
N ALA B 84 -16.85 -13.37 8.21
CA ALA B 84 -16.09 -12.99 7.04
C ALA B 84 -15.83 -11.49 6.97
N MET B 85 -16.57 -10.69 7.76
CA MET B 85 -16.43 -9.24 7.69
C MET B 85 -15.08 -8.80 8.23
N ASP B 86 -14.72 -9.29 9.42
CA ASP B 86 -13.39 -9.00 9.97
C ASP B 86 -12.28 -9.69 9.18
N VAL B 87 -12.60 -10.79 8.47
CA VAL B 87 -11.63 -11.40 7.56
C VAL B 87 -11.30 -10.46 6.42
N VAL B 88 -12.32 -9.85 5.80
CA VAL B 88 -12.00 -8.91 4.73
C VAL B 88 -11.47 -7.58 5.26
N TYR B 89 -11.72 -7.23 6.53
CA TYR B 89 -11.00 -6.07 7.08
C TYR B 89 -9.52 -6.38 7.27
N ALA B 90 -9.20 -7.60 7.72
CA ALA B 90 -7.80 -8.03 7.85
C ALA B 90 -7.13 -8.09 6.48
N LEU B 91 -7.86 -8.49 5.44
CA LEU B 91 -7.34 -8.40 4.07
C LEU B 91 -7.14 -6.96 3.64
N LYS B 92 -8.04 -6.06 4.05
CA LYS B 92 -7.91 -4.64 3.74
C LYS B 92 -6.69 -4.01 4.41
N ARG B 93 -6.27 -4.56 5.55
CA ARG B 93 -5.04 -4.09 6.20
C ARG B 93 -3.81 -4.28 5.34
N GLN B 94 -3.67 -5.43 4.69
CA GLN B 94 -2.45 -5.76 3.97
C GLN B 94 -2.46 -5.31 2.51
N GLY B 95 -3.43 -4.48 2.11
CA GLY B 95 -3.52 -4.08 0.72
C GLY B 95 -3.94 -5.20 -0.21
N ARG B 96 -4.65 -6.19 0.31
CA ARG B 96 -5.07 -7.37 -0.43
C ARG B 96 -6.58 -7.54 -0.29
N THR B 97 -7.31 -6.47 -0.57
CA THR B 97 -8.74 -6.40 -0.30
C THR B 97 -9.53 -7.30 -1.25
N LEU B 98 -10.66 -7.81 -0.75
CA LEU B 98 -11.44 -8.82 -1.43
C LEU B 98 -12.87 -8.34 -1.65
N TYR B 99 -13.39 -8.56 -2.85
CA TYR B 99 -14.75 -8.19 -3.22
C TYR B 99 -15.65 -9.42 -3.21
N GLY B 100 -16.85 -9.26 -2.67
CA GLY B 100 -17.85 -10.31 -2.68
C GLY B 100 -18.25 -10.82 -1.32
N PHE B 101 -17.64 -10.32 -0.25
CA PHE B 101 -18.03 -10.69 1.11
C PHE B 101 -18.23 -9.50 2.02
N GLY B 102 -17.92 -8.30 1.58
CA GLY B 102 -18.06 -7.09 2.36
C GLY B 102 -19.43 -6.46 2.38
N GLY B 103 -20.44 -7.15 1.84
CA GLY B 103 -21.79 -6.61 1.80
C GLY B 103 -22.49 -6.61 3.14
N LYS C 16 -0.28 18.89 38.25
CA LYS C 16 -1.36 19.52 37.51
C LYS C 16 -1.34 19.10 36.05
N THR C 17 -0.14 18.97 35.49
CA THR C 17 0.01 18.52 34.11
C THR C 17 -0.33 17.04 34.02
N ARG C 18 -1.18 16.69 33.05
CA ARG C 18 -1.65 15.31 32.91
C ARG C 18 -0.55 14.36 32.48
N SER C 19 0.48 14.86 31.81
CA SER C 19 1.64 14.02 31.49
C SER C 19 2.43 13.67 32.74
N SER C 20 2.53 14.60 33.69
CA SER C 20 3.16 14.29 34.96
C SER C 20 2.31 13.35 35.80
N ARG C 21 0.99 13.45 35.67
CA ARG C 21 0.09 12.52 36.34
C ARG C 21 0.23 11.11 35.75
N ALA C 22 0.40 11.01 34.44
CA ALA C 22 0.61 9.71 33.79
C ALA C 22 2.07 9.27 33.82
N GLY C 23 2.97 10.12 34.29
CA GLY C 23 4.39 9.78 34.35
C GLY C 23 5.07 9.66 33.01
N LEU C 24 4.76 10.53 32.07
CA LEU C 24 5.29 10.48 30.71
C LEU C 24 5.89 11.83 30.35
N GLN C 25 6.61 11.88 29.23
CA GLN C 25 7.13 13.14 28.72
C GLN C 25 6.33 13.70 27.56
N PHE C 26 5.71 12.84 26.74
CA PHE C 26 4.87 13.31 25.66
C PHE C 26 3.60 13.96 26.21
N PRO C 27 3.08 15.01 25.55
CA PRO C 27 1.90 15.72 26.09
C PRO C 27 0.63 14.92 25.89
N VAL C 28 -0.06 14.65 27.01
CA VAL C 28 -1.35 13.98 26.94
C VAL C 28 -2.41 14.92 26.36
N GLY C 29 -2.39 16.19 26.80
CA GLY C 29 -3.41 17.14 26.36
C GLY C 29 -3.33 17.47 24.89
N ARG C 30 -2.12 17.52 24.33
CA ARG C 30 -1.96 17.81 22.91
C ARG C 30 -2.45 16.64 22.06
N VAL C 31 -2.17 15.41 22.49
CA VAL C 31 -2.66 14.23 21.80
C VAL C 31 -4.19 14.17 21.87
N HIS C 32 -4.75 14.52 23.03
CA HIS C 32 -6.20 14.61 23.17
C HIS C 32 -6.80 15.70 22.26
N ARG C 33 -6.10 16.82 22.12
CA ARG C 33 -6.56 17.91 21.28
C ARG C 33 -6.57 17.52 19.81
N LEU C 34 -5.49 16.92 19.32
CA LEU C 34 -5.46 16.47 17.93
C LEU C 34 -6.29 15.21 17.70
N LEU C 35 -6.68 14.49 18.75
CA LEU C 35 -7.69 13.46 18.59
C LEU C 35 -9.08 14.07 18.48
N ARG C 36 -9.32 15.17 19.19
CA ARG C 36 -10.61 15.87 19.05
C ARG C 36 -10.76 16.50 17.67
N LYS C 37 -9.76 17.26 17.22
CA LYS C 37 -9.88 17.96 15.95
C LYS C 37 -9.36 17.16 14.77
N GLY C 38 -8.93 15.93 14.97
CA GLY C 38 -8.57 15.07 13.87
C GLY C 38 -9.73 14.27 13.31
N ASN C 39 -10.96 14.59 13.74
CA ASN C 39 -12.26 13.97 13.39
C ASN C 39 -12.19 12.45 13.22
N TYR C 40 -11.52 11.80 14.17
CA TYR C 40 -11.47 10.34 14.16
C TYR C 40 -12.75 9.73 14.69
N ALA C 41 -13.42 10.39 15.64
CA ALA C 41 -14.71 9.94 16.12
C ALA C 41 -15.48 11.15 16.64
N GLU C 42 -16.75 10.92 16.99
CA GLU C 42 -17.56 11.98 17.56
C GLU C 42 -17.11 12.33 18.98
N ARG C 43 -16.60 11.34 19.72
CA ARG C 43 -16.12 11.56 21.07
C ARG C 43 -14.92 10.66 21.33
N VAL C 44 -14.07 11.09 22.26
CA VAL C 44 -12.86 10.36 22.61
C VAL C 44 -12.84 10.14 24.12
N GLY C 45 -12.27 9.02 24.54
CA GLY C 45 -12.23 8.65 25.94
C GLY C 45 -11.10 9.32 26.69
N ALA C 46 -10.89 8.84 27.92
CA ALA C 46 -9.87 9.38 28.80
C ALA C 46 -8.56 8.58 28.77
N GLY C 47 -8.65 7.25 28.64
CA GLY C 47 -7.45 6.44 28.59
C GLY C 47 -6.78 6.39 27.23
N ALA C 48 -7.48 6.77 26.17
CA ALA C 48 -6.89 6.80 24.84
C ALA C 48 -5.71 7.78 24.67
N PRO C 49 -5.77 9.05 25.12
CA PRO C 49 -4.56 9.88 24.97
C PRO C 49 -3.38 9.44 25.83
N VAL C 50 -3.61 8.91 27.03
CA VAL C 50 -2.49 8.42 27.82
C VAL C 50 -1.92 7.14 27.22
N TYR C 51 -2.76 6.31 26.60
CA TYR C 51 -2.27 5.11 25.94
C TYR C 51 -1.45 5.45 24.70
N LEU C 52 -1.92 6.43 23.92
CA LEU C 52 -1.19 6.87 22.75
C LEU C 52 0.12 7.55 23.13
N ALA C 53 0.12 8.32 24.23
CA ALA C 53 1.34 8.95 24.71
C ALA C 53 2.35 7.91 25.20
N ALA C 54 1.88 6.85 25.85
CA ALA C 54 2.79 5.77 26.27
C ALA C 54 3.35 5.01 25.07
N VAL C 55 2.53 4.81 24.03
CA VAL C 55 3.02 4.12 22.85
C VAL C 55 4.06 4.97 22.12
N LEU C 56 3.82 6.28 22.00
CA LEU C 56 4.79 7.15 21.37
C LEU C 56 6.06 7.28 22.21
N GLU C 57 5.92 7.26 23.54
CA GLU C 57 7.05 7.14 24.47
C GLU C 57 7.92 5.94 24.14
N TYR C 58 7.30 4.76 24.07
CA TYR C 58 8.08 3.54 23.90
C TYR C 58 8.71 3.44 22.53
N LEU C 59 7.96 3.78 21.46
CA LEU C 59 8.54 3.73 20.11
C LEU C 59 9.65 4.76 19.93
N THR C 60 9.48 5.98 20.46
CA THR C 60 10.54 6.98 20.39
C THR C 60 11.78 6.55 21.16
N ALA C 61 11.59 5.96 22.35
CA ALA C 61 12.71 5.47 23.13
C ALA C 61 13.44 4.35 22.41
N GLU C 62 12.70 3.46 21.74
CA GLU C 62 13.33 2.35 21.04
C GLU C 62 14.11 2.80 19.81
N ILE C 63 13.60 3.77 19.04
CA ILE C 63 14.39 4.21 17.89
C ILE C 63 15.59 5.02 18.37
N LEU C 64 15.41 5.85 19.42
CA LEU C 64 16.49 6.71 19.88
C LEU C 64 17.60 5.92 20.60
N GLU C 65 17.27 4.78 21.20
CA GLU C 65 18.29 3.97 21.86
C GLU C 65 19.26 3.35 20.85
N LEU C 66 18.72 2.74 19.79
CA LEU C 66 19.58 2.20 18.75
C LEU C 66 20.25 3.30 17.93
N ALA C 67 19.62 4.47 17.81
CA ALA C 67 20.28 5.60 17.17
C ALA C 67 21.48 6.08 18.00
N GLY C 68 21.33 6.11 19.33
CA GLY C 68 22.43 6.47 20.19
C GLY C 68 23.55 5.45 20.17
N ASN C 69 23.21 4.17 20.07
CA ASN C 69 24.22 3.13 19.91
C ASN C 69 24.95 3.26 18.58
N ALA C 70 24.21 3.56 17.50
CA ALA C 70 24.83 3.75 16.18
C ALA C 70 25.69 5.00 16.14
N ALA C 71 25.37 6.00 16.94
CA ALA C 71 26.28 7.14 17.10
C ALA C 71 27.48 6.78 17.96
N ARG C 72 27.29 5.90 18.95
CA ARG C 72 28.35 5.57 19.89
C ARG C 72 29.43 4.73 19.24
N ASP C 73 29.07 3.74 18.42
CA ASP C 73 30.13 2.95 17.79
C ASP C 73 30.71 3.64 16.56
N ASN C 74 30.16 4.76 16.15
CA ASN C 74 30.74 5.61 15.12
C ASN C 74 31.57 6.75 15.71
N LYS C 75 31.85 6.68 17.01
CA LYS C 75 32.49 7.71 17.86
C LYS C 75 32.01 9.13 17.52
N LYS C 76 30.70 9.32 17.67
CA LYS C 76 30.09 10.62 17.49
C LYS C 76 29.06 10.85 18.59
N THR C 77 29.03 12.07 19.13
CA THR C 77 28.08 12.46 20.15
C THR C 77 26.91 13.26 19.57
N ARG C 78 26.61 13.05 18.29
CA ARG C 78 25.53 13.74 17.61
C ARG C 78 24.75 12.74 16.77
N ILE C 79 23.43 12.91 16.74
CA ILE C 79 22.54 12.02 15.98
C ILE C 79 22.27 12.69 14.65
N ILE C 80 22.68 12.05 13.56
CA ILE C 80 22.37 12.52 12.21
C ILE C 80 21.55 11.42 11.55
N PRO C 81 20.84 11.73 10.44
CA PRO C 81 19.99 10.71 9.78
C PRO C 81 20.66 9.42 9.37
N ARG C 82 21.98 9.39 9.15
CA ARG C 82 22.64 8.13 8.86
C ARG C 82 22.58 7.19 10.06
N HIS C 83 22.68 7.74 11.28
CA HIS C 83 22.53 6.93 12.49
C HIS C 83 21.11 6.41 12.64
N LEU C 84 20.10 7.22 12.28
CA LEU C 84 18.72 6.75 12.33
C LEU C 84 18.47 5.66 11.29
N GLN C 85 19.05 5.79 10.11
CA GLN C 85 18.94 4.78 9.06
C GLN C 85 19.62 3.47 9.48
N LEU C 86 20.81 3.57 10.08
CA LEU C 86 21.52 2.41 10.62
C LEU C 86 20.74 1.75 11.75
N ALA C 87 20.11 2.55 12.61
CA ALA C 87 19.30 2.01 13.70
C ALA C 87 18.05 1.33 13.18
N VAL C 88 17.43 1.88 12.14
CA VAL C 88 16.17 1.34 11.64
C VAL C 88 16.40 0.03 10.91
N ARG C 89 17.39 -0.02 10.01
CA ARG C 89 17.52 -1.21 9.17
C ARG C 89 18.26 -2.36 9.83
N ASN C 90 18.96 -2.13 10.96
CA ASN C 90 19.70 -3.21 11.59
C ASN C 90 18.77 -4.19 12.29
N ASP C 91 17.78 -3.68 13.02
CA ASP C 91 16.87 -4.52 13.78
C ASP C 91 15.70 -4.82 12.85
N GLU C 92 15.21 -6.05 12.90
CA GLU C 92 14.18 -6.52 11.98
C GLU C 92 12.77 -6.31 12.51
N GLU C 93 12.57 -5.35 13.42
CA GLU C 93 11.24 -5.08 13.96
C GLU C 93 10.70 -3.74 13.47
N LEU C 94 11.43 -2.65 13.73
CA LEU C 94 11.00 -1.35 13.23
C LEU C 94 11.26 -1.21 11.74
N ASN C 95 12.20 -1.98 11.19
CA ASN C 95 12.42 -2.01 9.76
C ASN C 95 11.20 -2.55 9.02
N LYS C 96 10.60 -3.63 9.52
CA LYS C 96 9.37 -4.11 8.90
C LYS C 96 8.16 -3.30 9.35
N LEU C 97 8.27 -2.54 10.45
CA LEU C 97 7.22 -1.60 10.80
C LEU C 97 7.11 -0.48 9.77
N LEU C 98 8.23 0.07 9.32
CA LEU C 98 8.22 1.19 8.38
C LEU C 98 9.06 0.88 7.14
N GLY C 99 8.82 -0.27 6.53
CA GLY C 99 9.53 -0.67 5.32
C GLY C 99 9.22 0.14 4.09
N ARG C 100 8.09 0.87 4.07
CA ARG C 100 7.73 1.73 2.95
C ARG C 100 8.07 3.19 3.20
N VAL C 101 9.14 3.45 3.95
CA VAL C 101 9.51 4.79 4.37
C VAL C 101 10.96 5.04 3.97
N THR C 102 11.21 6.14 3.26
CA THR C 102 12.55 6.56 2.90
C THR C 102 12.99 7.74 3.78
N ILE C 103 14.25 7.74 4.17
CA ILE C 103 14.79 8.76 5.08
C ILE C 103 15.79 9.60 4.31
N ALA C 104 15.59 10.92 4.31
CA ALA C 104 16.52 11.84 3.67
C ALA C 104 17.84 11.87 4.43
N GLN C 105 18.93 12.03 3.65
CA GLN C 105 20.31 11.94 4.14
C GLN C 105 20.57 10.64 4.91
N GLY C 106 20.02 9.55 4.39
CA GLY C 106 20.08 8.29 5.11
C GLY C 106 21.00 7.24 4.55
N GLY C 107 21.07 7.10 3.24
CA GLY C 107 21.87 6.06 2.64
C GLY C 107 21.24 4.68 2.76
N VAL C 108 22.08 3.66 2.59
CA VAL C 108 21.65 2.28 2.58
C VAL C 108 22.64 1.50 3.43
N LEU C 109 22.17 0.41 4.06
CA LEU C 109 23.05 -0.50 4.78
C LEU C 109 24.08 -1.11 3.84
N PRO C 110 25.35 -1.21 4.27
CA PRO C 110 26.37 -1.83 3.42
C PRO C 110 26.18 -3.34 3.31
N ASN C 111 25.72 -3.79 2.15
CA ASN C 111 25.38 -5.19 1.91
C ASN C 111 26.03 -5.56 0.58
N ILE C 112 26.76 -6.67 0.58
CA ILE C 112 27.46 -7.16 -0.61
C ILE C 112 26.99 -8.58 -0.86
N GLN C 113 26.46 -8.84 -2.06
CA GLN C 113 26.14 -10.21 -2.44
C GLN C 113 27.43 -10.98 -2.66
N SER C 114 27.44 -12.24 -2.23
CA SER C 114 28.68 -13.01 -2.11
C SER C 114 29.30 -13.39 -3.44
N VAL C 115 28.53 -13.31 -4.54
CA VAL C 115 29.05 -13.71 -5.85
C VAL C 115 29.89 -12.65 -6.52
N LEU C 116 29.98 -11.44 -5.94
CA LEU C 116 30.73 -10.36 -6.56
C LEU C 116 32.16 -10.25 -6.07
N LEU C 117 32.49 -10.85 -4.93
CA LEU C 117 33.85 -10.80 -4.43
C LEU C 117 34.77 -11.66 -5.31
N PRO C 118 35.99 -11.21 -5.58
CA PRO C 118 36.95 -12.07 -6.26
C PRO C 118 37.40 -13.21 -5.36
N LYS C 119 37.73 -14.34 -5.98
CA LYS C 119 38.23 -15.50 -5.28
C LYS C 119 39.69 -15.73 -5.68
N LYS C 120 40.29 -16.77 -5.08
CA LYS C 120 41.70 -17.15 -5.27
C LYS C 120 42.65 -16.01 -4.95
N THR C 121 42.35 -15.28 -3.87
CA THR C 121 43.15 -14.12 -3.48
C THR C 121 44.06 -14.44 -2.31
N ARG D 31 3.93 30.58 15.52
CA ARG D 31 3.52 29.42 16.30
C ARG D 31 3.47 28.17 15.43
N LYS D 32 4.63 27.56 15.20
CA LYS D 32 4.73 26.31 14.46
C LYS D 32 4.71 25.16 15.47
N GLU D 33 3.86 24.17 15.23
CA GLU D 33 3.57 23.17 16.23
C GLU D 33 4.45 21.96 16.00
N SER D 34 5.09 21.46 17.06
CA SER D 34 6.06 20.39 16.93
C SER D 34 6.21 19.63 18.24
N TYR D 35 6.83 18.46 18.16
CA TYR D 35 7.11 17.60 19.31
C TYR D 35 8.62 17.48 19.57
N ALA D 36 9.34 18.60 19.49
CA ALA D 36 10.79 18.54 19.57
C ALA D 36 11.28 18.27 20.99
N ILE D 37 10.88 19.12 21.94
CA ILE D 37 11.47 19.04 23.27
C ILE D 37 11.01 17.82 24.06
N TYR D 38 9.89 17.21 23.68
CA TYR D 38 9.45 15.98 24.34
C TYR D 38 10.41 14.83 24.05
N VAL D 39 10.80 14.66 22.79
CA VAL D 39 11.79 13.65 22.48
C VAL D 39 13.18 14.12 22.90
N TYR D 40 13.37 15.42 23.16
CA TYR D 40 14.62 15.86 23.77
C TYR D 40 14.75 15.35 25.21
N LYS D 41 13.67 15.43 26.00
CA LYS D 41 13.70 14.79 27.31
C LYS D 41 13.77 13.27 27.22
N VAL D 42 13.14 12.67 26.20
CA VAL D 42 13.24 11.22 26.00
C VAL D 42 14.68 10.81 25.70
N LEU D 43 15.36 11.58 24.85
CA LEU D 43 16.76 11.32 24.53
C LEU D 43 17.65 11.56 25.73
N LYS D 44 17.33 12.55 26.56
CA LYS D 44 18.13 12.79 27.76
C LYS D 44 17.93 11.72 28.81
N GLN D 45 16.74 11.13 28.91
CA GLN D 45 16.55 10.06 29.88
C GLN D 45 16.92 8.70 29.32
N VAL D 46 17.18 8.58 28.02
CA VAL D 46 17.65 7.31 27.46
C VAL D 46 19.12 7.37 27.03
N HIS D 47 19.70 8.55 26.91
CA HIS D 47 21.09 8.73 26.47
C HIS D 47 21.57 10.10 26.91
N PRO D 48 22.00 10.26 28.17
CA PRO D 48 22.22 11.60 28.73
C PRO D 48 23.53 12.27 28.33
N ASP D 49 24.23 11.79 27.30
CA ASP D 49 25.52 12.36 26.93
C ASP D 49 25.63 12.49 25.41
N THR D 50 24.54 12.88 24.76
CA THR D 50 24.55 13.07 23.31
C THR D 50 23.48 14.08 22.91
N GLY D 51 23.59 14.56 21.66
CA GLY D 51 22.63 15.49 21.11
C GLY D 51 22.13 15.02 19.76
N ILE D 52 21.19 15.79 19.21
CA ILE D 52 20.50 15.42 17.97
C ILE D 52 20.50 16.61 17.03
N SER D 53 20.70 16.35 15.74
CA SER D 53 20.72 17.39 14.72
C SER D 53 19.29 17.80 14.33
N SER D 54 19.21 18.91 13.58
CA SER D 54 17.91 19.46 13.19
C SER D 54 17.26 18.64 12.08
N LYS D 55 18.05 18.06 11.18
CA LYS D 55 17.48 17.19 10.16
C LYS D 55 16.94 15.91 10.78
N ALA D 56 17.69 15.33 11.71
CA ALA D 56 17.19 14.21 12.49
C ALA D 56 15.99 14.61 13.35
N MET D 57 15.93 15.87 13.76
CA MET D 57 14.72 16.40 14.42
C MET D 57 13.52 16.38 13.50
N SER D 58 13.70 16.79 12.24
CA SER D 58 12.60 16.72 11.28
C SER D 58 12.16 15.29 11.02
N ILE D 59 13.13 14.36 10.93
CA ILE D 59 12.80 12.96 10.71
C ILE D 59 12.08 12.34 11.90
N MET D 60 12.51 12.66 13.12
CA MET D 60 11.83 12.13 14.31
C MET D 60 10.43 12.70 14.46
N ASN D 61 10.24 13.99 14.14
CA ASN D 61 8.91 14.59 14.19
C ASN D 61 8.00 13.96 13.15
N SER D 62 8.50 13.75 11.93
CA SER D 62 7.70 13.11 10.89
C SER D 62 7.39 11.66 11.23
N PHE D 63 8.33 10.96 11.88
CA PHE D 63 8.10 9.58 12.28
C PHE D 63 6.99 9.48 13.31
N VAL D 64 7.06 10.32 14.35
CA VAL D 64 6.04 10.26 15.40
C VAL D 64 4.70 10.77 14.88
N ASN D 65 4.70 11.67 13.88
CA ASN D 65 3.45 12.11 13.28
C ASN D 65 2.84 11.02 12.41
N ASP D 66 3.67 10.26 11.69
CA ASP D 66 3.18 9.18 10.85
C ASP D 66 2.59 8.06 11.71
N VAL D 67 3.25 7.75 12.83
CA VAL D 67 2.72 6.74 13.76
C VAL D 67 1.42 7.22 14.40
N PHE D 68 1.34 8.52 14.73
CA PHE D 68 0.12 9.10 15.29
C PHE D 68 -1.04 8.97 14.29
N GLU D 69 -0.80 9.34 13.02
CA GLU D 69 -1.85 9.28 12.00
C GLU D 69 -2.28 7.85 11.73
N ARG D 70 -1.32 6.91 11.66
CA ARG D 70 -1.64 5.51 11.41
C ARG D 70 -2.46 4.92 12.55
N ILE D 71 -2.04 5.15 13.80
CA ILE D 71 -2.70 4.56 14.94
C ILE D 71 -4.08 5.17 15.14
N ALA D 72 -4.18 6.49 14.98
CA ALA D 72 -5.46 7.16 15.17
C ALA D 72 -6.45 6.82 14.07
N GLY D 73 -5.97 6.65 12.82
CA GLY D 73 -6.86 6.22 11.75
C GLY D 73 -7.35 4.79 11.93
N GLU D 74 -6.47 3.90 12.40
CA GLU D 74 -6.89 2.53 12.68
C GLU D 74 -7.89 2.48 13.84
N ALA D 75 -7.67 3.29 14.87
CA ALA D 75 -8.64 3.35 15.97
C ALA D 75 -9.96 3.97 15.52
N SER D 76 -9.90 4.94 14.59
CA SER D 76 -11.11 5.56 14.07
C SER D 76 -11.95 4.56 13.29
N ARG D 77 -11.33 3.86 12.34
CA ARG D 77 -12.12 2.89 11.58
C ARG D 77 -12.47 1.66 12.40
N LEU D 78 -11.69 1.33 13.44
CA LEU D 78 -12.07 0.25 14.35
C LEU D 78 -13.28 0.62 15.19
N ALA D 79 -13.38 1.86 15.64
CA ALA D 79 -14.58 2.29 16.36
C ALA D 79 -15.78 2.37 15.42
N HIS D 80 -15.55 2.77 14.17
CA HIS D 80 -16.64 2.81 13.20
C HIS D 80 -17.12 1.40 12.83
N TYR D 81 -16.24 0.42 12.87
CA TYR D 81 -16.57 -0.94 12.44
C TYR D 81 -17.54 -1.61 13.40
N ASN D 82 -17.49 -1.24 14.69
CA ASN D 82 -18.32 -1.82 15.72
C ASN D 82 -19.53 -0.95 16.07
N LYS D 83 -19.80 0.09 15.25
CA LYS D 83 -20.87 1.07 15.48
C LYS D 83 -20.74 1.75 16.84
N ARG D 84 -19.52 2.12 17.21
CA ARG D 84 -19.23 2.81 18.45
C ARG D 84 -18.71 4.20 18.14
N SER D 85 -19.26 5.21 18.82
CA SER D 85 -18.88 6.58 18.56
C SER D 85 -17.74 7.07 19.45
N THR D 86 -17.30 6.27 20.40
CA THR D 86 -16.29 6.68 21.37
C THR D 86 -15.00 5.93 21.11
N ILE D 87 -13.88 6.66 21.12
CA ILE D 87 -12.55 6.07 21.04
C ILE D 87 -11.95 6.10 22.44
N THR D 88 -11.70 4.93 23.00
CA THR D 88 -11.07 4.78 24.31
C THR D 88 -9.78 3.99 24.14
N SER D 89 -9.20 3.57 25.27
CA SER D 89 -7.93 2.86 25.25
C SER D 89 -8.01 1.46 24.65
N ARG D 90 -9.22 0.88 24.55
CA ARG D 90 -9.36 -0.46 23.99
C ARG D 90 -9.07 -0.46 22.50
N GLU D 91 -9.62 0.50 21.75
CA GLU D 91 -9.35 0.60 20.32
C GLU D 91 -7.90 0.97 20.05
N ILE D 92 -7.31 1.82 20.89
CA ILE D 92 -5.89 2.17 20.75
C ILE D 92 -5.01 0.95 20.99
N GLN D 93 -5.35 0.15 22.00
CA GLN D 93 -4.61 -1.08 22.31
C GLN D 93 -4.73 -2.10 21.17
N THR D 94 -5.93 -2.26 20.62
CA THR D 94 -6.13 -3.22 19.54
C THR D 94 -5.46 -2.74 18.25
N ALA D 95 -5.47 -1.43 17.99
CA ALA D 95 -4.77 -0.88 16.84
C ALA D 95 -3.25 -1.03 16.98
N VAL D 96 -2.75 -0.92 18.22
CA VAL D 96 -1.34 -1.12 18.48
C VAL D 96 -0.96 -2.58 18.24
N ARG D 97 -1.80 -3.51 18.71
CA ARG D 97 -1.61 -4.93 18.43
C ARG D 97 -1.74 -5.25 16.94
N LEU D 98 -2.51 -4.46 16.20
CA LEU D 98 -2.71 -4.69 14.77
C LEU D 98 -1.51 -4.24 13.96
N LEU D 99 -1.18 -2.94 14.03
CA LEU D 99 -0.25 -2.38 13.05
C LEU D 99 1.18 -2.29 13.56
N LEU D 100 1.48 -2.83 14.74
CA LEU D 100 2.87 -3.04 15.13
C LEU D 100 3.23 -4.52 15.04
N PRO D 101 4.49 -4.86 14.76
CA PRO D 101 4.90 -6.27 14.79
C PRO D 101 5.03 -6.76 16.22
N GLY D 102 5.18 -8.09 16.34
CA GLY D 102 4.93 -8.86 17.55
C GLY D 102 5.51 -8.43 18.89
N GLU D 103 6.84 -8.49 19.05
CA GLU D 103 7.45 -8.10 20.31
C GLU D 103 7.35 -6.60 20.55
N LEU D 104 7.41 -5.82 19.46
CA LEU D 104 7.22 -4.37 19.54
C LEU D 104 5.83 -4.03 20.07
N ALA D 105 4.81 -4.72 19.57
CA ALA D 105 3.44 -4.50 20.02
C ALA D 105 3.25 -5.00 21.45
N LYS D 106 3.89 -6.12 21.80
CA LYS D 106 3.76 -6.66 23.16
C LYS D 106 4.34 -5.70 24.20
N HIS D 107 5.52 -5.14 23.92
CA HIS D 107 6.09 -4.17 24.84
C HIS D 107 5.35 -2.83 24.78
N ALA D 108 4.72 -2.52 23.63
CA ALA D 108 3.93 -1.30 23.53
C ALA D 108 2.68 -1.38 24.40
N VAL D 109 1.97 -2.51 24.38
CA VAL D 109 0.82 -2.64 25.29
C VAL D 109 1.30 -2.80 26.74
N SER D 110 2.50 -3.35 26.97
CA SER D 110 3.03 -3.42 28.33
C SER D 110 3.33 -2.03 28.88
N GLU D 111 3.73 -1.09 28.03
CA GLU D 111 3.86 0.29 28.45
C GLU D 111 2.49 0.96 28.59
N GLY D 112 1.56 0.65 27.66
CA GLY D 112 0.30 1.38 27.62
C GLY D 112 -0.62 1.09 28.79
N THR D 113 -0.80 -0.19 29.12
CA THR D 113 -1.65 -0.50 30.27
C THR D 113 -1.02 -0.10 31.59
N LYS D 114 0.32 -0.16 31.69
CA LYS D 114 0.99 0.33 32.90
C LYS D 114 0.82 1.83 33.05
N ALA D 115 0.85 2.57 31.95
CA ALA D 115 0.59 4.01 32.01
C ALA D 115 -0.86 4.32 32.34
N VAL D 116 -1.81 3.54 31.82
CA VAL D 116 -3.22 3.82 32.12
C VAL D 116 -3.55 3.45 33.56
N THR D 117 -2.85 2.45 34.13
CA THR D 117 -3.07 2.14 35.54
C THR D 117 -2.37 3.14 36.45
N LYS D 118 -1.24 3.71 36.01
CA LYS D 118 -0.61 4.75 36.81
C LYS D 118 -1.42 6.05 36.75
N TYR D 119 -2.05 6.33 35.61
CA TYR D 119 -2.83 7.55 35.47
C TYR D 119 -4.18 7.44 36.18
N THR D 120 -4.82 6.26 36.13
CA THR D 120 -6.12 6.12 36.76
C THR D 120 -6.05 5.99 38.28
N SER D 121 -4.86 5.78 38.85
CA SER D 121 -4.69 5.70 40.29
C SER D 121 -4.50 7.07 40.94
N ALA D 122 -4.37 8.13 40.15
CA ALA D 122 -4.19 9.48 40.69
C ALA D 122 -4.81 10.51 39.77
N ARG E 41 48.21 -0.21 -13.31
CA ARG E 41 46.95 -0.62 -13.94
C ARG E 41 46.21 -1.61 -13.06
N TYR E 42 44.94 -1.34 -12.80
CA TYR E 42 44.13 -2.18 -11.94
C TYR E 42 43.42 -3.27 -12.75
N ARG E 43 43.17 -4.40 -12.10
CA ARG E 43 42.36 -5.47 -12.68
C ARG E 43 40.93 -4.97 -12.84
N PRO E 44 40.29 -5.18 -14.00
CA PRO E 44 38.94 -4.64 -14.19
C PRO E 44 37.91 -5.39 -13.36
N GLY E 45 37.28 -4.66 -12.44
CA GLY E 45 36.31 -5.21 -11.51
C GLY E 45 36.64 -5.00 -10.05
N THR E 46 37.78 -4.42 -9.70
CA THR E 46 38.15 -4.25 -8.30
C THR E 46 38.22 -2.81 -7.83
N VAL E 47 38.46 -1.83 -8.71
CA VAL E 47 38.40 -0.44 -8.25
C VAL E 47 36.96 0.03 -8.20
N ALA E 48 36.11 -0.50 -9.09
CA ALA E 48 34.67 -0.30 -8.98
C ALA E 48 34.13 -0.93 -7.71
N LEU E 49 34.61 -2.13 -7.36
CA LEU E 49 34.26 -2.75 -6.09
C LEU E 49 34.81 -1.99 -4.90
N ARG E 50 35.94 -1.30 -5.08
CA ARG E 50 36.50 -0.49 -4.00
C ARG E 50 35.63 0.73 -3.73
N GLU E 51 35.18 1.42 -4.78
CA GLU E 51 34.37 2.61 -4.60
C GLU E 51 32.87 2.29 -4.45
N ILE E 52 32.50 1.00 -4.55
CA ILE E 52 31.22 0.53 -4.00
C ILE E 52 31.11 0.89 -2.53
N ARG E 53 32.14 0.61 -1.75
CA ARG E 53 32.11 0.91 -0.32
C ARG E 53 32.15 2.41 -0.09
N ARG E 54 32.87 3.14 -0.94
CA ARG E 54 32.98 4.59 -0.80
C ARG E 54 31.64 5.28 -1.05
N TYR E 55 30.87 4.80 -2.03
CA TYR E 55 29.54 5.37 -2.23
C TYR E 55 28.48 4.70 -1.36
N GLN E 56 28.80 3.60 -0.68
CA GLN E 56 27.77 2.90 0.08
C GLN E 56 27.80 3.27 1.54
N LYS E 57 28.96 3.65 2.09
CA LYS E 57 28.94 4.26 3.42
C LYS E 57 28.61 5.74 3.36
N SER E 58 28.65 6.34 2.18
CA SER E 58 28.36 7.75 2.03
C SER E 58 26.86 8.00 2.05
N THR E 59 26.49 9.27 2.13
CA THR E 59 25.09 9.62 2.28
C THR E 59 24.63 10.83 1.48
N GLU E 60 25.50 11.50 0.73
CA GLU E 60 25.11 12.70 0.02
C GLU E 60 24.40 12.33 -1.29
N LEU E 61 23.99 13.36 -2.03
CA LEU E 61 23.18 13.16 -3.22
C LEU E 61 24.08 12.92 -4.43
N LEU E 62 23.75 11.89 -5.21
CA LEU E 62 24.57 11.49 -6.34
C LEU E 62 24.38 12.38 -7.55
N ILE E 63 23.13 12.65 -7.91
CA ILE E 63 22.83 13.46 -9.08
C ILE E 63 23.09 14.93 -8.76
N ARG E 64 23.57 15.66 -9.75
CA ARG E 64 23.79 17.10 -9.60
C ARG E 64 22.45 17.83 -9.50
N LYS E 65 22.43 18.91 -8.72
CA LYS E 65 21.18 19.55 -8.35
C LYS E 65 20.55 20.31 -9.51
N LEU E 66 21.36 21.07 -10.26
CA LEU E 66 20.86 21.89 -11.36
C LEU E 66 20.26 21.11 -12.54
N PRO E 67 20.86 20.02 -13.08
CA PRO E 67 20.15 19.29 -14.14
C PRO E 67 18.87 18.62 -13.68
N PHE E 68 18.82 18.13 -12.45
CA PHE E 68 17.59 17.58 -11.90
C PHE E 68 16.53 18.66 -11.72
N GLN E 69 16.95 19.86 -11.31
CA GLN E 69 16.04 20.99 -11.16
C GLN E 69 15.45 21.40 -12.50
N ARG E 70 16.30 21.48 -13.53
CA ARG E 70 15.83 21.81 -14.88
C ARG E 70 14.91 20.73 -15.44
N LEU E 71 15.24 19.45 -15.18
CA LEU E 71 14.39 18.35 -15.62
C LEU E 71 13.03 18.38 -14.93
N VAL E 72 13.01 18.68 -13.63
CA VAL E 72 11.77 18.76 -12.86
C VAL E 72 10.89 19.91 -13.37
N ARG E 73 11.52 21.05 -13.68
CA ARG E 73 10.76 22.17 -14.26
C ARG E 73 10.22 21.84 -15.64
N GLU E 74 10.99 21.10 -16.44
CA GLU E 74 10.52 20.67 -17.77
C GLU E 74 9.31 19.75 -17.65
N ILE E 75 9.36 18.78 -16.74
CA ILE E 75 8.28 17.79 -16.72
C ILE E 75 7.07 18.36 -15.99
N ALA E 76 7.27 19.36 -15.12
CA ALA E 76 6.14 19.99 -14.45
C ALA E 76 5.53 21.15 -15.24
N GLN E 77 6.20 21.62 -16.30
CA GLN E 77 5.61 22.67 -17.11
C GLN E 77 4.41 22.16 -17.91
N ASP E 78 4.43 20.88 -18.30
CA ASP E 78 3.36 20.33 -19.13
C ASP E 78 2.02 20.18 -18.43
N PHE E 79 2.01 20.01 -17.11
CA PHE E 79 0.76 19.89 -16.38
C PHE E 79 0.09 21.24 -16.14
N LYS E 80 0.87 22.27 -15.85
CA LYS E 80 0.35 23.63 -15.69
C LYS E 80 1.50 24.59 -15.95
N THR E 81 1.23 25.63 -16.72
CA THR E 81 2.26 26.59 -17.12
C THR E 81 2.69 27.46 -15.94
N ASP E 82 3.79 28.21 -16.16
CA ASP E 82 4.50 29.18 -15.31
C ASP E 82 4.46 28.87 -13.81
N LEU E 83 4.80 27.63 -13.47
CA LEU E 83 4.85 27.20 -12.07
C LEU E 83 6.05 27.80 -11.35
N ARG E 84 6.00 27.75 -10.02
CA ARG E 84 7.12 28.09 -9.17
C ARG E 84 7.38 26.94 -8.21
N PHE E 85 8.63 26.79 -7.79
CA PHE E 85 9.05 25.70 -6.92
C PHE E 85 9.81 26.23 -5.72
N GLN E 86 9.55 25.66 -4.56
CA GLN E 86 10.37 25.96 -3.40
C GLN E 86 11.71 25.24 -3.51
N SER E 87 12.69 25.74 -2.76
CA SER E 87 14.01 25.12 -2.74
C SER E 87 13.97 23.73 -2.12
N SER E 88 13.20 23.55 -1.05
CA SER E 88 13.02 22.25 -0.45
C SER E 88 12.05 21.37 -1.21
N ALA E 89 11.28 21.94 -2.15
CA ALA E 89 10.38 21.14 -2.97
C ALA E 89 11.15 20.26 -3.94
N VAL E 90 12.14 20.83 -4.63
CA VAL E 90 12.98 20.04 -5.52
C VAL E 90 14.05 19.26 -4.76
N MET E 91 14.31 19.61 -3.51
CA MET E 91 15.22 18.81 -2.69
C MET E 91 14.54 17.54 -2.20
N ALA E 92 13.25 17.64 -1.85
CA ALA E 92 12.49 16.44 -1.47
C ALA E 92 12.17 15.58 -2.68
N LEU E 93 12.05 16.21 -3.86
CA LEU E 93 11.80 15.45 -5.07
C LEU E 93 12.99 14.59 -5.47
N GLN E 94 14.22 15.05 -5.18
CA GLN E 94 15.40 14.27 -5.54
C GLN E 94 15.62 13.12 -4.57
N GLU E 95 15.23 13.31 -3.30
CA GLU E 95 15.46 12.32 -2.26
C GLU E 95 14.74 11.01 -2.57
N ALA E 96 13.44 11.09 -2.85
CA ALA E 96 12.67 9.93 -3.22
C ALA E 96 13.09 9.38 -4.58
N SER E 97 13.59 10.24 -5.46
CA SER E 97 14.03 9.80 -6.79
C SER E 97 15.24 8.88 -6.71
N GLU E 98 16.29 9.30 -5.99
CA GLU E 98 17.43 8.40 -5.83
C GLU E 98 17.14 7.26 -4.87
N ALA E 99 16.23 7.44 -3.91
CA ALA E 99 15.83 6.32 -3.05
C ALA E 99 15.15 5.22 -3.85
N TYR E 100 14.21 5.60 -4.73
CA TYR E 100 13.57 4.65 -5.63
C TYR E 100 14.56 4.08 -6.64
N LEU E 101 15.54 4.89 -7.07
CA LEU E 101 16.54 4.43 -8.02
C LEU E 101 17.41 3.33 -7.43
N VAL E 102 17.96 3.54 -6.24
CA VAL E 102 18.78 2.48 -5.63
C VAL E 102 17.95 1.33 -5.08
N ALA E 103 16.67 1.55 -4.74
CA ALA E 103 15.82 0.42 -4.39
C ALA E 103 15.51 -0.43 -5.62
N LEU E 104 15.40 0.19 -6.79
CA LEU E 104 15.27 -0.56 -8.03
C LEU E 104 16.58 -1.25 -8.40
N PHE E 105 17.71 -0.61 -8.10
CA PHE E 105 19.00 -1.16 -8.52
C PHE E 105 19.46 -2.33 -7.65
N GLU E 106 19.09 -2.35 -6.36
CA GLU E 106 19.16 -3.57 -5.55
C GLU E 106 18.44 -4.72 -6.23
N ASP E 107 17.24 -4.43 -6.72
CA ASP E 107 16.38 -5.44 -7.32
C ASP E 107 16.94 -5.95 -8.64
N THR E 108 17.45 -5.04 -9.47
CA THR E 108 18.04 -5.46 -10.74
C THR E 108 19.37 -6.19 -10.52
N ASN E 109 20.12 -5.81 -9.48
CA ASN E 109 21.37 -6.49 -9.16
C ASN E 109 21.10 -7.94 -8.79
N LEU E 110 20.17 -8.16 -7.86
CA LEU E 110 19.93 -9.54 -7.45
C LEU E 110 18.97 -10.27 -8.37
N ALA E 111 18.40 -9.60 -9.37
CA ALA E 111 17.73 -10.32 -10.44
C ALA E 111 18.71 -10.77 -11.52
N ALA E 112 19.73 -9.96 -11.81
CA ALA E 112 20.76 -10.37 -12.75
C ALA E 112 21.69 -11.41 -12.15
N ILE E 113 21.80 -11.44 -10.82
CA ILE E 113 22.57 -12.50 -10.16
C ILE E 113 21.92 -13.87 -10.38
N HIS E 114 20.59 -13.91 -10.31
CA HIS E 114 19.85 -15.17 -10.42
C HIS E 114 19.96 -15.81 -11.79
N ALA E 115 20.20 -15.01 -12.83
CA ALA E 115 20.41 -15.52 -14.18
C ALA E 115 21.87 -15.91 -14.44
N LYS E 116 22.64 -16.14 -13.38
CA LYS E 116 24.05 -16.57 -13.41
C LYS E 116 24.91 -15.60 -14.21
N ARG E 117 24.66 -14.31 -14.00
CA ARG E 117 25.41 -13.23 -14.62
C ARG E 117 25.85 -12.23 -13.56
N VAL E 118 26.68 -11.29 -13.98
CA VAL E 118 27.10 -10.18 -13.14
C VAL E 118 26.60 -8.85 -13.69
N THR E 119 26.64 -8.69 -15.02
CA THR E 119 26.21 -7.46 -15.67
C THR E 119 24.69 -7.30 -15.57
N ILE E 120 24.24 -6.14 -15.12
CA ILE E 120 22.81 -5.83 -15.13
C ILE E 120 22.42 -5.33 -16.51
N MET E 121 21.26 -5.76 -16.99
CA MET E 121 20.78 -5.53 -18.34
C MET E 121 19.33 -5.09 -18.27
N PRO E 122 18.79 -4.46 -19.34
CA PRO E 122 17.42 -3.91 -19.26
C PRO E 122 16.31 -4.92 -19.01
N LYS E 123 16.49 -6.21 -19.29
CA LYS E 123 15.40 -7.14 -18.98
C LYS E 123 15.31 -7.47 -17.48
N ASP E 124 16.40 -7.29 -16.73
CA ASP E 124 16.26 -7.33 -15.27
C ASP E 124 15.45 -6.15 -14.74
N ILE E 125 15.50 -5.01 -15.42
CA ILE E 125 14.66 -3.87 -15.05
C ILE E 125 13.19 -4.19 -15.33
N GLN E 126 12.92 -4.85 -16.47
CA GLN E 126 11.56 -5.32 -16.76
C GLN E 126 11.08 -6.32 -15.73
N LEU E 127 11.97 -7.23 -15.30
CA LEU E 127 11.62 -8.18 -14.25
C LEU E 127 11.32 -7.49 -12.93
N ALA E 128 12.12 -6.49 -12.57
CA ALA E 128 11.91 -5.78 -11.30
C ALA E 128 10.59 -5.01 -11.31
N ARG E 129 10.33 -4.25 -12.38
CA ARG E 129 9.09 -3.50 -12.46
C ARG E 129 7.88 -4.39 -12.74
N ARG E 130 8.08 -5.64 -13.14
CA ARG E 130 6.95 -6.56 -13.30
C ARG E 130 6.60 -7.25 -11.99
N ILE E 131 7.61 -7.74 -11.27
CA ILE E 131 7.33 -8.43 -10.00
C ILE E 131 6.86 -7.42 -8.95
N ARG E 132 7.42 -6.20 -8.97
CA ARG E 132 6.92 -5.14 -8.09
C ARG E 132 5.51 -4.69 -8.45
N GLY E 133 5.06 -4.94 -9.68
CA GLY E 133 3.75 -4.52 -10.11
C GLY E 133 3.67 -3.11 -10.63
N GLU E 134 4.81 -2.46 -10.84
CA GLU E 134 4.82 -1.09 -11.33
C GLU E 134 4.51 -1.00 -12.82
N ARG E 135 4.71 -2.08 -13.57
CA ARG E 135 4.41 -2.11 -15.00
C ARG E 135 3.07 -2.75 -15.29
N ALA E 136 2.88 -4.00 -14.87
CA ALA E 136 1.65 -4.73 -15.12
C ALA E 136 1.37 -5.74 -14.01
N ASP F 25 17.16 17.26 -24.80
CA ASP F 25 18.48 16.99 -24.23
C ASP F 25 18.56 17.23 -22.72
N ASN F 26 17.53 17.88 -22.19
CA ASN F 26 17.49 18.18 -20.76
C ASN F 26 17.15 16.95 -19.93
N ILE F 27 16.52 15.94 -20.54
CA ILE F 27 16.38 14.64 -19.88
C ILE F 27 17.76 13.98 -19.74
N GLN F 28 18.64 14.22 -20.72
CA GLN F 28 20.02 13.75 -20.66
C GLN F 28 20.91 14.62 -19.78
N GLY F 29 20.36 15.63 -19.10
CA GLY F 29 21.13 16.41 -18.15
C GLY F 29 21.63 15.59 -16.98
N ILE F 30 20.80 14.69 -16.47
CA ILE F 30 21.28 13.65 -15.57
C ILE F 30 21.99 12.61 -16.43
N THR F 31 23.21 12.25 -16.03
CA THR F 31 24.20 11.79 -17.00
C THR F 31 24.69 10.37 -16.72
N LYS F 32 25.61 9.93 -17.57
CA LYS F 32 26.22 8.60 -17.49
C LYS F 32 26.96 8.35 -16.18
N PRO F 33 27.87 9.21 -15.68
CA PRO F 33 28.48 8.91 -14.37
C PRO F 33 27.51 9.09 -13.20
N ALA F 34 26.48 9.92 -13.33
CA ALA F 34 25.50 10.06 -12.25
C ALA F 34 24.64 8.81 -12.13
N ILE F 35 24.19 8.27 -13.26
CA ILE F 35 23.44 7.01 -13.29
C ILE F 35 24.33 5.87 -12.80
N ARG F 36 25.60 5.88 -13.20
CA ARG F 36 26.53 4.84 -12.79
C ARG F 36 26.82 4.93 -11.29
N ARG F 37 26.86 6.16 -10.75
CA ARG F 37 27.01 6.37 -9.31
C ARG F 37 25.80 5.88 -8.53
N LEU F 38 24.60 6.19 -9.02
CA LEU F 38 23.38 5.76 -8.34
C LEU F 38 23.21 4.25 -8.39
N ALA F 39 23.60 3.63 -9.51
CA ALA F 39 23.59 2.17 -9.59
C ALA F 39 24.68 1.57 -8.71
N ARG F 40 25.81 2.25 -8.59
CA ARG F 40 26.90 1.75 -7.77
C ARG F 40 26.56 1.82 -6.29
N ARG F 41 25.82 2.85 -5.88
CA ARG F 41 25.30 2.90 -4.51
C ARG F 41 24.29 1.78 -4.28
N GLY F 42 23.57 1.38 -5.34
CA GLY F 42 22.72 0.21 -5.33
C GLY F 42 23.45 -1.12 -5.40
N GLY F 43 24.78 -1.11 -5.44
CA GLY F 43 25.54 -2.33 -5.23
C GLY F 43 25.81 -3.18 -6.45
N VAL F 44 25.83 -2.58 -7.65
CA VAL F 44 26.07 -3.34 -8.87
C VAL F 44 27.55 -3.22 -9.23
N LYS F 45 28.05 -4.22 -9.93
CA LYS F 45 29.44 -4.24 -10.35
C LYS F 45 29.62 -3.91 -11.83
N ARG F 46 28.92 -4.62 -12.71
CA ARG F 46 29.00 -4.40 -14.14
C ARG F 46 27.66 -3.91 -14.66
N ILE F 47 27.70 -2.91 -15.55
CA ILE F 47 26.51 -2.26 -16.08
C ILE F 47 26.56 -2.34 -17.59
N SER F 48 25.46 -2.79 -18.20
CA SER F 48 25.38 -2.82 -19.65
C SER F 48 25.20 -1.41 -20.22
N GLY F 49 25.47 -1.28 -21.52
CA GLY F 49 25.39 0.01 -22.18
C GLY F 49 23.97 0.49 -22.46
N LEU F 50 23.00 -0.42 -22.45
CA LEU F 50 21.61 -0.07 -22.70
C LEU F 50 20.84 0.21 -21.41
N ILE F 51 21.54 0.32 -20.29
CA ILE F 51 20.88 0.56 -19.00
C ILE F 51 20.40 2.00 -18.89
N TYR F 52 21.19 2.94 -19.41
CA TYR F 52 21.16 4.33 -18.94
C TYR F 52 19.91 5.07 -19.39
N GLU F 53 19.56 5.00 -20.68
CA GLU F 53 18.34 5.65 -21.13
C GLU F 53 17.09 4.91 -20.65
N GLU F 54 17.21 3.62 -20.35
CA GLU F 54 16.10 2.88 -19.76
C GLU F 54 15.78 3.40 -18.36
N THR F 55 16.80 3.57 -17.51
CA THR F 55 16.52 4.17 -16.20
C THR F 55 16.24 5.66 -16.29
N ARG F 56 16.67 6.33 -17.37
CA ARG F 56 16.20 7.69 -17.62
C ARG F 56 14.69 7.72 -17.84
N GLY F 57 14.17 6.77 -18.62
CA GLY F 57 12.73 6.66 -18.78
C GLY F 57 12.01 6.28 -17.50
N VAL F 58 12.64 5.42 -16.70
CA VAL F 58 12.08 5.03 -15.40
C VAL F 58 11.98 6.22 -14.46
N LEU F 59 13.05 7.04 -14.40
CA LEU F 59 13.03 8.25 -13.59
C LEU F 59 12.00 9.25 -14.12
N LYS F 60 11.84 9.31 -15.45
CA LYS F 60 10.87 10.21 -16.06
C LYS F 60 9.44 9.83 -15.69
N VAL F 61 9.10 8.54 -15.75
CA VAL F 61 7.72 8.14 -15.41
C VAL F 61 7.49 8.23 -13.90
N PHE F 62 8.53 8.02 -13.09
CA PHE F 62 8.41 8.19 -11.64
C PHE F 62 8.12 9.64 -11.27
N LEU F 63 8.88 10.57 -11.87
CA LEU F 63 8.61 11.98 -11.63
C LEU F 63 7.29 12.43 -12.23
N GLU F 64 6.83 11.78 -13.31
CA GLU F 64 5.48 12.04 -13.81
C GLU F 64 4.42 11.68 -12.79
N ASN F 65 4.55 10.48 -12.20
CA ASN F 65 3.57 10.00 -11.23
C ASN F 65 3.58 10.83 -9.95
N VAL F 66 4.74 11.35 -9.55
CA VAL F 66 4.78 12.16 -8.33
C VAL F 66 4.31 13.59 -8.61
N ILE F 67 4.84 14.21 -9.68
CA ILE F 67 4.59 15.61 -9.98
C ILE F 67 3.14 15.84 -10.43
N ARG F 68 2.51 14.83 -11.06
CA ARG F 68 1.11 14.95 -11.44
C ARG F 68 0.19 15.07 -10.22
N ASP F 69 0.50 14.33 -9.15
CA ASP F 69 -0.26 14.48 -7.92
C ASP F 69 0.07 15.79 -7.23
N ALA F 70 1.36 16.16 -7.22
CA ALA F 70 1.79 17.37 -6.53
C ALA F 70 1.22 18.64 -7.16
N VAL F 71 1.09 18.68 -8.48
CA VAL F 71 0.62 19.89 -9.16
C VAL F 71 -0.85 20.16 -8.85
N THR F 72 -1.68 19.12 -8.73
CA THR F 72 -3.05 19.35 -8.31
C THR F 72 -3.17 19.57 -6.81
N TYR F 73 -2.21 19.05 -6.03
CA TYR F 73 -2.15 19.41 -4.61
C TYR F 73 -1.91 20.90 -4.42
N THR F 74 -1.06 21.51 -5.25
CA THR F 74 -0.95 22.97 -5.22
C THR F 74 -2.16 23.65 -5.84
N GLU F 75 -2.76 23.02 -6.87
CA GLU F 75 -3.87 23.66 -7.58
C GLU F 75 -5.12 23.76 -6.73
N HIS F 76 -5.33 22.81 -5.81
CA HIS F 76 -6.49 22.90 -4.93
C HIS F 76 -6.38 24.03 -3.93
N ALA F 77 -5.15 24.38 -3.54
CA ALA F 77 -4.92 25.37 -2.49
C ALA F 77 -5.03 26.81 -2.96
N LYS F 78 -5.54 27.04 -4.19
CA LYS F 78 -5.49 28.33 -4.88
C LYS F 78 -4.06 28.85 -4.93
N ARG F 79 -3.12 27.95 -5.19
CA ARG F 79 -1.70 28.21 -5.07
C ARG F 79 -1.02 27.82 -6.38
N LYS F 80 0.06 28.52 -6.69
CA LYS F 80 0.79 28.28 -7.93
C LYS F 80 2.29 28.12 -7.68
N THR F 81 2.69 27.89 -6.44
CA THR F 81 4.07 27.61 -6.07
C THR F 81 4.10 26.26 -5.37
N VAL F 82 4.88 25.32 -5.90
CA VAL F 82 4.99 24.00 -5.30
C VAL F 82 5.88 24.09 -4.07
N THR F 83 5.33 23.72 -2.92
CA THR F 83 6.09 23.68 -1.68
C THR F 83 6.67 22.28 -1.48
N ALA F 84 7.42 22.10 -0.40
CA ALA F 84 7.91 20.77 -0.06
C ALA F 84 6.86 19.94 0.65
N MET F 85 5.80 20.56 1.14
CA MET F 85 4.82 19.85 1.96
C MET F 85 3.92 18.96 1.12
N ASP F 86 3.47 19.46 -0.03
CA ASP F 86 2.54 18.69 -0.87
C ASP F 86 3.27 17.60 -1.65
N VAL F 87 4.58 17.75 -1.84
CA VAL F 87 5.38 16.67 -2.40
C VAL F 87 5.44 15.50 -1.43
N VAL F 88 5.56 15.81 -0.12
CA VAL F 88 5.54 14.78 0.92
C VAL F 88 4.19 14.08 0.95
N TYR F 89 3.10 14.83 0.77
CA TYR F 89 1.77 14.20 0.75
C TYR F 89 1.56 13.34 -0.49
N ALA F 90 2.08 13.78 -1.65
CA ALA F 90 1.98 12.95 -2.85
C ALA F 90 2.79 11.66 -2.71
N LEU F 91 3.99 11.74 -2.14
CA LEU F 91 4.78 10.55 -1.90
C LEU F 91 4.16 9.65 -0.85
N LYS F 92 3.42 10.23 0.11
CA LYS F 92 2.63 9.41 1.02
C LYS F 92 1.46 8.75 0.30
N ARG F 93 0.91 9.41 -0.72
CA ARG F 93 -0.17 8.81 -1.49
C ARG F 93 0.31 7.63 -2.33
N GLN F 94 1.53 7.70 -2.88
CA GLN F 94 2.06 6.55 -3.60
C GLN F 94 2.69 5.48 -2.70
N GLY F 95 2.51 5.58 -1.39
CA GLY F 95 3.02 4.55 -0.50
C GLY F 95 4.52 4.56 -0.31
N ARG F 96 5.16 5.70 -0.55
CA ARG F 96 6.60 5.86 -0.41
C ARG F 96 6.91 7.12 0.40
N THR F 97 6.28 7.21 1.58
CA THR F 97 6.36 8.39 2.43
C THR F 97 7.79 8.71 2.83
N LEU F 98 8.12 10.00 2.81
CA LEU F 98 9.49 10.47 2.97
C LEU F 98 9.58 11.36 4.20
N TYR F 99 10.63 11.14 4.99
CA TYR F 99 10.88 11.90 6.21
C TYR F 99 11.92 12.99 5.95
N GLY F 100 11.88 14.02 6.79
CA GLY F 100 12.89 15.05 6.78
C GLY F 100 12.51 16.35 6.08
N PHE F 101 11.26 16.50 5.66
CA PHE F 101 10.81 17.73 5.01
C PHE F 101 9.50 18.21 5.60
N GLY F 102 9.28 17.93 6.89
CA GLY F 102 8.02 18.28 7.53
C GLY F 102 6.95 17.22 7.29
N GLY F 103 5.80 17.44 7.89
CA GLY F 103 4.69 16.52 7.76
C GLY F 103 4.52 15.64 8.98
N LYS G 29 -36.06 -9.53 10.46
CA LYS G 29 -36.57 -8.42 11.27
C LYS G 29 -35.51 -7.31 11.41
N THR G 30 -34.42 -7.45 10.65
CA THR G 30 -33.33 -6.49 10.70
C THR G 30 -33.43 -5.52 9.52
N ARG G 31 -32.42 -4.68 9.35
CA ARG G 31 -32.38 -3.72 8.25
C ARG G 31 -30.94 -3.54 7.79
N LYS G 32 -30.71 -3.72 6.49
CA LYS G 32 -29.38 -3.67 5.91
C LYS G 32 -29.50 -2.85 4.63
N GLU G 33 -28.74 -1.76 4.56
CA GLU G 33 -28.78 -0.86 3.40
C GLU G 33 -27.69 -1.25 2.40
N SER G 34 -28.03 -1.12 1.13
CA SER G 34 -27.15 -1.51 0.04
C SER G 34 -27.51 -0.70 -1.20
N TYR G 35 -26.67 -0.80 -2.23
CA TYR G 35 -26.88 -0.05 -3.46
C TYR G 35 -27.27 -0.98 -4.59
N ALA G 36 -28.08 -2.01 -4.30
CA ALA G 36 -28.42 -3.02 -5.29
C ALA G 36 -29.33 -2.45 -6.38
N ILE G 37 -30.38 -1.74 -5.98
CA ILE G 37 -31.34 -1.22 -6.95
C ILE G 37 -30.76 -0.09 -7.78
N TYR G 38 -29.79 0.66 -7.25
CA TYR G 38 -29.26 1.80 -7.98
C TYR G 38 -28.36 1.34 -9.12
N VAL G 39 -27.48 0.37 -8.83
CA VAL G 39 -26.69 -0.22 -9.90
C VAL G 39 -27.53 -1.13 -10.80
N TYR G 40 -28.69 -1.62 -10.31
CA TYR G 40 -29.66 -2.24 -11.19
C TYR G 40 -30.21 -1.26 -12.23
N LYS G 41 -30.57 -0.05 -11.78
CA LYS G 41 -31.05 0.96 -12.70
C LYS G 41 -29.96 1.42 -13.66
N VAL G 42 -28.72 1.51 -13.19
CA VAL G 42 -27.59 1.83 -14.07
C VAL G 42 -27.38 0.73 -15.12
N LEU G 43 -27.50 -0.54 -14.69
CA LEU G 43 -27.30 -1.67 -15.60
C LEU G 43 -28.40 -1.74 -16.65
N LYS G 44 -29.66 -1.55 -16.25
CA LYS G 44 -30.74 -1.55 -17.24
C LYS G 44 -30.74 -0.28 -18.08
N GLN G 45 -30.12 0.81 -17.62
CA GLN G 45 -29.97 1.97 -18.46
C GLN G 45 -28.89 1.75 -19.53
N VAL G 46 -27.80 1.08 -19.18
CA VAL G 46 -26.73 0.90 -20.14
C VAL G 46 -26.89 -0.40 -20.94
N HIS G 47 -27.59 -1.39 -20.40
CA HIS G 47 -27.79 -2.68 -21.07
C HIS G 47 -29.19 -3.17 -20.71
N PRO G 48 -30.19 -2.93 -21.56
CA PRO G 48 -31.57 -3.17 -21.16
C PRO G 48 -32.04 -4.61 -21.31
N ASP G 49 -31.11 -5.55 -21.48
CA ASP G 49 -31.45 -6.96 -21.61
C ASP G 49 -30.63 -7.90 -20.75
N THR G 50 -29.58 -7.41 -20.08
CA THR G 50 -28.65 -8.26 -19.34
C THR G 50 -29.04 -8.27 -17.86
N GLY G 51 -29.09 -9.48 -17.28
CA GLY G 51 -29.31 -9.65 -15.86
C GLY G 51 -28.01 -9.78 -15.10
N ILE G 52 -28.14 -9.91 -13.78
CA ILE G 52 -26.99 -9.97 -12.88
C ILE G 52 -27.25 -10.99 -11.79
N SER G 53 -26.20 -11.70 -11.38
CA SER G 53 -26.29 -12.67 -10.30
C SER G 53 -26.13 -11.98 -8.95
N SER G 54 -26.49 -12.72 -7.89
CA SER G 54 -26.46 -12.14 -6.54
C SER G 54 -25.02 -12.00 -6.03
N LYS G 55 -24.16 -12.98 -6.35
CA LYS G 55 -22.75 -12.87 -5.99
C LYS G 55 -22.09 -11.70 -6.72
N ALA G 56 -22.40 -11.54 -8.02
CA ALA G 56 -21.92 -10.37 -8.76
C ALA G 56 -22.55 -9.09 -8.24
N MET G 57 -23.78 -9.17 -7.71
CA MET G 57 -24.42 -8.01 -7.11
C MET G 57 -23.66 -7.56 -5.86
N SER G 58 -23.24 -8.53 -5.03
CA SER G 58 -22.46 -8.21 -3.84
C SER G 58 -21.07 -7.69 -4.19
N ILE G 59 -20.46 -8.24 -5.26
CA ILE G 59 -19.19 -7.72 -5.76
C ILE G 59 -19.34 -6.27 -6.21
N MET G 60 -20.44 -5.98 -6.91
CA MET G 60 -20.73 -4.62 -7.36
C MET G 60 -20.89 -3.66 -6.19
N ASN G 61 -21.66 -4.08 -5.17
CA ASN G 61 -21.91 -3.23 -4.01
C ASN G 61 -20.65 -2.99 -3.19
N SER G 62 -19.83 -4.03 -3.01
CA SER G 62 -18.56 -3.87 -2.30
C SER G 62 -17.59 -2.98 -3.08
N PHE G 63 -17.61 -3.05 -4.42
CA PHE G 63 -16.75 -2.20 -5.22
C PHE G 63 -17.13 -0.73 -5.08
N VAL G 64 -18.43 -0.43 -5.18
CA VAL G 64 -18.82 0.99 -5.11
C VAL G 64 -18.62 1.51 -3.69
N ASN G 65 -18.81 0.65 -2.67
CA ASN G 65 -18.54 1.03 -1.29
C ASN G 65 -17.07 1.33 -1.07
N ASP G 66 -16.18 0.52 -1.66
CA ASP G 66 -14.73 0.70 -1.46
C ASP G 66 -14.29 2.00 -2.13
N VAL G 67 -14.75 2.26 -3.36
CA VAL G 67 -14.29 3.48 -4.02
C VAL G 67 -14.93 4.72 -3.40
N PHE G 68 -16.14 4.60 -2.84
CA PHE G 68 -16.75 5.69 -2.10
C PHE G 68 -15.95 6.01 -0.84
N GLU G 69 -15.51 4.97 -0.12
CA GLU G 69 -14.68 5.17 1.06
C GLU G 69 -13.33 5.78 0.70
N ARG G 70 -12.77 5.37 -0.44
CA ARG G 70 -11.49 5.90 -0.90
C ARG G 70 -11.58 7.39 -1.23
N ILE G 71 -12.58 7.78 -2.02
CA ILE G 71 -12.74 9.18 -2.40
C ILE G 71 -13.11 10.05 -1.19
N ALA G 72 -13.98 9.53 -0.31
CA ALA G 72 -14.37 10.29 0.88
C ALA G 72 -13.20 10.47 1.85
N GLY G 73 -12.39 9.43 2.04
CA GLY G 73 -11.24 9.56 2.91
C GLY G 73 -10.17 10.49 2.37
N GLU G 74 -9.95 10.43 1.04
CA GLU G 74 -8.97 11.34 0.45
C GLU G 74 -9.47 12.79 0.48
N ALA G 75 -10.77 13.00 0.27
CA ALA G 75 -11.32 14.36 0.37
C ALA G 75 -11.27 14.87 1.81
N SER G 76 -11.48 13.98 2.78
CA SER G 76 -11.39 14.34 4.19
C SER G 76 -9.97 14.76 4.57
N ARG G 77 -8.99 13.94 4.22
CA ARG G 77 -7.61 14.30 4.56
C ARG G 77 -7.13 15.49 3.72
N LEU G 78 -7.67 15.69 2.53
CA LEU G 78 -7.25 16.82 1.72
C LEU G 78 -7.84 18.12 2.25
N ALA G 79 -9.05 18.07 2.82
CA ALA G 79 -9.59 19.22 3.53
C ALA G 79 -8.82 19.47 4.83
N HIS G 80 -8.34 18.43 5.49
CA HIS G 80 -7.52 18.61 6.69
C HIS G 80 -6.16 19.20 6.33
N TYR G 81 -5.66 18.93 5.13
CA TYR G 81 -4.37 19.44 4.69
C TYR G 81 -4.40 20.95 4.44
N ASN G 82 -5.58 21.51 4.17
CA ASN G 82 -5.72 22.93 3.88
C ASN G 82 -6.41 23.70 5.01
N LYS G 83 -6.42 23.14 6.22
CA LYS G 83 -7.19 23.56 7.41
C LYS G 83 -8.59 24.08 7.06
N ARG G 84 -9.32 23.26 6.31
CA ARG G 84 -10.70 23.54 5.93
C ARG G 84 -11.62 22.53 6.60
N SER G 85 -12.68 23.02 7.23
CA SER G 85 -13.62 22.17 7.94
C SER G 85 -14.80 21.74 7.10
N THR G 86 -14.84 22.14 5.83
CA THR G 86 -15.96 21.84 4.94
C THR G 86 -15.47 21.08 3.72
N ILE G 87 -16.19 20.03 3.34
CA ILE G 87 -15.92 19.27 2.13
C ILE G 87 -16.87 19.79 1.06
N THR G 88 -16.34 20.59 0.15
CA THR G 88 -17.13 21.12 -0.96
C THR G 88 -16.98 20.18 -2.16
N SER G 89 -17.45 20.63 -3.33
CA SER G 89 -17.28 19.84 -4.55
C SER G 89 -15.85 19.89 -5.06
N ARG G 90 -15.07 20.90 -4.66
CA ARG G 90 -13.68 20.99 -5.09
C ARG G 90 -12.83 19.87 -4.49
N GLU G 91 -13.10 19.51 -3.23
CA GLU G 91 -12.39 18.41 -2.60
C GLU G 91 -12.69 17.08 -3.28
N ILE G 92 -13.94 16.87 -3.65
CA ILE G 92 -14.33 15.65 -4.36
C ILE G 92 -13.71 15.61 -5.75
N GLN G 93 -13.67 16.76 -6.43
CA GLN G 93 -13.06 16.85 -7.75
C GLN G 93 -11.56 16.58 -7.69
N THR G 94 -10.88 17.13 -6.68
CA THR G 94 -9.45 16.91 -6.53
C THR G 94 -9.14 15.46 -6.15
N ALA G 95 -9.96 14.86 -5.27
CA ALA G 95 -9.76 13.46 -4.91
C ALA G 95 -10.05 12.53 -6.07
N VAL G 96 -10.99 12.90 -6.94
CA VAL G 96 -11.24 12.14 -8.15
C VAL G 96 -10.05 12.24 -9.10
N ARG G 97 -9.46 13.44 -9.22
CA ARG G 97 -8.27 13.61 -10.04
C ARG G 97 -7.06 12.88 -9.47
N LEU G 98 -7.02 12.64 -8.16
CA LEU G 98 -5.94 11.87 -7.56
C LEU G 98 -6.13 10.37 -7.74
N LEU G 99 -7.31 9.86 -7.41
CA LEU G 99 -7.48 8.40 -7.34
C LEU G 99 -7.74 7.75 -8.69
N LEU G 100 -8.01 8.53 -9.74
CA LEU G 100 -8.37 7.91 -11.00
C LEU G 100 -7.30 8.17 -12.05
N PRO G 101 -7.03 7.21 -12.93
CA PRO G 101 -6.14 7.45 -14.06
C PRO G 101 -6.76 8.41 -15.07
N GLY G 102 -5.89 8.97 -15.91
CA GLY G 102 -6.08 10.23 -16.62
C GLY G 102 -7.36 10.55 -17.36
N GLU G 103 -7.62 9.87 -18.47
CA GLU G 103 -8.82 10.20 -19.24
C GLU G 103 -10.08 9.72 -18.53
N LEU G 104 -9.97 8.65 -17.74
CA LEU G 104 -11.03 8.29 -16.83
C LEU G 104 -11.26 9.37 -15.77
N ALA G 105 -10.18 9.98 -15.29
CA ALA G 105 -10.30 11.03 -14.27
C ALA G 105 -10.98 12.27 -14.83
N LYS G 106 -10.59 12.72 -16.04
CA LYS G 106 -11.26 13.91 -16.55
C LYS G 106 -12.65 13.62 -17.08
N HIS G 107 -12.94 12.37 -17.51
CA HIS G 107 -14.32 12.03 -17.84
C HIS G 107 -15.20 12.02 -16.60
N ALA G 108 -14.69 11.50 -15.47
CA ALA G 108 -15.43 11.55 -14.22
C ALA G 108 -15.57 12.98 -13.71
N VAL G 109 -14.56 13.81 -13.94
CA VAL G 109 -14.63 15.23 -13.58
C VAL G 109 -15.71 15.93 -14.39
N SER G 110 -15.79 15.61 -15.69
CA SER G 110 -16.84 16.20 -16.54
C SER G 110 -18.22 15.76 -16.13
N GLU G 111 -18.40 14.46 -15.79
CA GLU G 111 -19.69 13.97 -15.32
C GLU G 111 -20.09 14.61 -14.00
N GLY G 112 -19.15 14.74 -13.06
CA GLY G 112 -19.44 15.39 -11.81
C GLY G 112 -19.77 16.86 -11.96
N THR G 113 -19.03 17.56 -12.84
CA THR G 113 -19.29 18.98 -13.07
C THR G 113 -20.63 19.21 -13.73
N LYS G 114 -20.99 18.39 -14.73
CA LYS G 114 -22.30 18.58 -15.35
C LYS G 114 -23.43 18.19 -14.41
N ALA G 115 -23.19 17.25 -13.48
CA ALA G 115 -24.19 16.97 -12.45
C ALA G 115 -24.37 18.13 -11.49
N VAL G 116 -23.26 18.79 -11.10
CA VAL G 116 -23.36 19.93 -10.19
C VAL G 116 -24.07 21.12 -10.85
N THR G 117 -23.73 21.44 -12.10
CA THR G 117 -24.46 22.53 -12.75
C THR G 117 -25.90 22.15 -13.10
N LYS G 118 -26.19 20.86 -13.31
CA LYS G 118 -27.58 20.45 -13.50
C LYS G 118 -28.37 20.61 -12.22
N TYR G 119 -27.78 20.24 -11.08
CA TYR G 119 -28.45 20.40 -9.80
C TYR G 119 -28.58 21.87 -9.39
N THR G 120 -27.58 22.69 -9.73
CA THR G 120 -27.62 24.11 -9.37
C THR G 120 -28.56 24.91 -10.27
N SER G 121 -28.65 24.53 -11.56
CA SER G 121 -29.59 25.20 -12.46
C SER G 121 -31.03 24.93 -12.06
N ALA G 122 -31.32 23.71 -11.65
CA ALA G 122 -32.60 23.40 -11.03
C ALA G 122 -32.66 23.96 -9.61
N LYS G 123 -33.86 24.01 -9.06
CA LYS G 123 -34.03 24.52 -7.71
C LYS G 123 -33.57 23.51 -6.67
N LYS J 16 -40.11 14.23 -5.22
CA LYS J 16 -39.23 15.38 -5.42
C LYS J 16 -37.87 15.13 -4.79
N THR J 17 -37.27 13.99 -5.09
CA THR J 17 -35.98 13.62 -4.55
C THR J 17 -34.87 14.47 -5.16
N ARG J 18 -33.75 14.55 -4.44
CA ARG J 18 -32.62 15.34 -4.93
C ARG J 18 -31.91 14.65 -6.09
N SER J 19 -31.99 13.32 -6.16
CA SER J 19 -31.41 12.59 -7.28
C SER J 19 -32.16 12.82 -8.58
N SER J 20 -33.44 13.21 -8.51
CA SER J 20 -34.18 13.54 -9.71
C SER J 20 -33.68 14.86 -10.32
N ARG J 21 -33.51 15.88 -9.48
CA ARG J 21 -32.98 17.15 -9.97
C ARG J 21 -31.49 17.07 -10.27
N ALA J 22 -30.78 16.10 -9.68
CA ALA J 22 -29.39 15.88 -10.05
C ALA J 22 -29.25 15.08 -11.34
N GLY J 23 -30.32 14.42 -11.79
CA GLY J 23 -30.28 13.64 -13.00
C GLY J 23 -29.59 12.30 -12.88
N LEU J 24 -29.33 11.83 -11.66
CA LEU J 24 -28.62 10.58 -11.43
C LEU J 24 -29.55 9.57 -10.78
N GLN J 25 -29.41 8.31 -11.18
CA GLN J 25 -30.15 7.23 -10.55
C GLN J 25 -29.58 6.84 -9.19
N PHE J 26 -28.32 7.20 -8.92
CA PHE J 26 -27.69 6.95 -7.63
C PHE J 26 -28.27 7.89 -6.57
N PRO J 27 -28.35 7.45 -5.31
CA PRO J 27 -28.97 8.31 -4.29
C PRO J 27 -28.05 9.45 -3.88
N VAL J 28 -28.66 10.60 -3.65
CA VAL J 28 -27.91 11.76 -3.18
C VAL J 28 -28.04 11.90 -1.67
N GLY J 29 -29.24 11.67 -1.15
CA GLY J 29 -29.44 11.74 0.29
C GLY J 29 -28.72 10.65 1.06
N ARG J 30 -28.64 9.45 0.49
CA ARG J 30 -27.91 8.36 1.14
C ARG J 30 -26.40 8.65 1.17
N VAL J 31 -25.87 9.22 0.07
CA VAL J 31 -24.46 9.59 0.03
C VAL J 31 -24.16 10.73 0.99
N HIS J 32 -25.08 11.69 1.08
CA HIS J 32 -24.94 12.79 2.06
C HIS J 32 -25.01 12.28 3.49
N ARG J 33 -25.88 11.30 3.76
CA ARG J 33 -25.98 10.70 5.09
C ARG J 33 -24.72 9.95 5.46
N LEU J 34 -24.15 9.18 4.52
CA LEU J 34 -22.91 8.46 4.80
C LEU J 34 -21.71 9.40 4.88
N LEU J 35 -21.77 10.54 4.20
CA LEU J 35 -20.72 11.54 4.32
C LEU J 35 -20.83 12.32 5.63
N ARG J 36 -22.05 12.44 6.18
CA ARG J 36 -22.24 13.24 7.38
C ARG J 36 -21.76 12.51 8.63
N LYS J 37 -22.33 11.34 8.91
CA LYS J 37 -21.94 10.58 10.09
C LYS J 37 -20.84 9.57 9.79
N GLY J 38 -20.12 9.74 8.70
CA GLY J 38 -18.91 8.99 8.44
C GLY J 38 -17.67 9.63 8.99
N ASN J 39 -17.83 10.71 9.76
CA ASN J 39 -16.79 11.51 10.43
C ASN J 39 -15.63 11.94 9.53
N TYR J 40 -15.90 12.11 8.23
CA TYR J 40 -14.87 12.61 7.33
C TYR J 40 -14.56 14.08 7.61
N ALA J 41 -15.60 14.89 7.81
CA ALA J 41 -15.45 16.27 8.26
C ALA J 41 -16.72 16.67 9.00
N GLU J 42 -16.61 17.74 9.79
CA GLU J 42 -17.76 18.20 10.54
C GLU J 42 -18.77 18.97 9.70
N ARG J 43 -18.37 19.43 8.51
CA ARG J 43 -19.27 20.14 7.61
C ARG J 43 -19.17 19.56 6.21
N VAL J 44 -20.33 19.28 5.61
CA VAL J 44 -20.42 18.69 4.28
C VAL J 44 -21.18 19.65 3.38
N GLY J 45 -20.61 19.96 2.22
CA GLY J 45 -21.21 20.89 1.29
C GLY J 45 -22.41 20.30 0.57
N ALA J 46 -23.03 21.14 -0.26
CA ALA J 46 -24.24 20.73 -0.96
C ALA J 46 -23.92 19.97 -2.26
N GLY J 47 -22.96 20.47 -3.04
CA GLY J 47 -22.64 19.82 -4.30
C GLY J 47 -21.70 18.63 -4.20
N ALA J 48 -21.07 18.44 -3.05
CA ALA J 48 -20.20 17.28 -2.86
C ALA J 48 -20.92 15.93 -2.92
N PRO J 49 -22.09 15.69 -2.30
CA PRO J 49 -22.76 14.40 -2.52
C PRO J 49 -23.23 14.17 -3.94
N VAL J 50 -23.67 15.21 -4.66
CA VAL J 50 -24.10 14.98 -6.04
C VAL J 50 -22.90 14.75 -6.95
N TYR J 51 -21.74 15.36 -6.65
CA TYR J 51 -20.52 15.08 -7.39
C TYR J 51 -20.06 13.64 -7.15
N LEU J 52 -20.09 13.21 -5.88
CA LEU J 52 -19.68 11.85 -5.54
C LEU J 52 -20.61 10.82 -6.16
N ALA J 53 -21.92 11.10 -6.16
CA ALA J 53 -22.89 10.19 -6.77
C ALA J 53 -22.71 10.12 -8.29
N ALA J 54 -22.35 11.25 -8.92
CA ALA J 54 -22.07 11.23 -10.35
C ALA J 54 -20.84 10.39 -10.68
N VAL J 55 -19.78 10.51 -9.87
CA VAL J 55 -18.57 9.73 -10.11
C VAL J 55 -18.82 8.24 -9.87
N LEU J 56 -19.60 7.91 -8.83
CA LEU J 56 -19.96 6.51 -8.59
C LEU J 56 -20.85 5.96 -9.70
N GLU J 57 -21.76 6.78 -10.24
CA GLU J 57 -22.55 6.38 -11.40
C GLU J 57 -21.68 6.07 -12.61
N TYR J 58 -20.68 6.93 -12.86
CA TYR J 58 -19.81 6.73 -14.01
C TYR J 58 -18.98 5.46 -13.84
N LEU J 59 -18.44 5.22 -12.64
CA LEU J 59 -17.61 4.05 -12.41
C LEU J 59 -18.44 2.76 -12.49
N THR J 60 -19.68 2.79 -11.99
CA THR J 60 -20.59 1.66 -12.13
C THR J 60 -20.91 1.39 -13.60
N ALA J 61 -21.15 2.44 -14.38
CA ALA J 61 -21.44 2.27 -15.81
C ALA J 61 -20.22 1.73 -16.56
N GLU J 62 -19.03 2.21 -16.20
CA GLU J 62 -17.80 1.70 -16.82
C GLU J 62 -17.56 0.24 -16.50
N ILE J 63 -17.89 -0.19 -15.28
CA ILE J 63 -17.75 -1.61 -14.95
C ILE J 63 -18.76 -2.42 -15.76
N LEU J 64 -20.02 -1.97 -15.75
CA LEU J 64 -21.11 -2.79 -16.27
C LEU J 64 -21.13 -2.84 -17.79
N GLU J 65 -20.57 -1.83 -18.47
CA GLU J 65 -20.54 -1.84 -19.93
C GLU J 65 -19.66 -2.97 -20.46
N LEU J 66 -18.42 -3.04 -19.99
CA LEU J 66 -17.57 -4.15 -20.40
C LEU J 66 -17.95 -5.47 -19.75
N ALA J 67 -18.63 -5.45 -18.61
CA ALA J 67 -19.16 -6.70 -18.05
C ALA J 67 -20.24 -7.29 -18.96
N GLY J 68 -21.17 -6.44 -19.42
CA GLY J 68 -22.17 -6.89 -20.37
C GLY J 68 -21.60 -7.27 -21.72
N ASN J 69 -20.55 -6.56 -22.16
CA ASN J 69 -19.87 -6.94 -23.40
C ASN J 69 -19.23 -8.31 -23.30
N ALA J 70 -18.53 -8.59 -22.18
CA ALA J 70 -17.93 -9.90 -21.98
C ALA J 70 -18.98 -10.99 -21.83
N ALA J 71 -20.14 -10.65 -21.25
CA ALA J 71 -21.27 -11.58 -21.24
C ALA J 71 -21.77 -11.86 -22.65
N ARG J 72 -21.75 -10.83 -23.52
CA ARG J 72 -22.16 -11.02 -24.91
C ARG J 72 -21.20 -11.91 -25.68
N ASP J 73 -19.89 -11.75 -25.48
CA ASP J 73 -18.97 -12.70 -26.10
C ASP J 73 -19.06 -14.10 -25.47
N ASN J 74 -19.50 -14.20 -24.22
CA ASN J 74 -19.64 -15.49 -23.56
C ASN J 74 -21.04 -16.05 -23.81
N LYS J 75 -21.86 -15.28 -24.53
CA LYS J 75 -23.26 -15.58 -24.94
C LYS J 75 -24.15 -16.00 -23.76
N LYS J 76 -23.95 -15.35 -22.62
CA LYS J 76 -24.88 -15.41 -21.49
C LYS J 76 -25.42 -14.01 -21.23
N THR J 77 -26.65 -13.94 -20.73
CA THR J 77 -27.29 -12.67 -20.41
C THR J 77 -27.32 -12.40 -18.91
N ARG J 78 -26.48 -13.08 -18.14
CA ARG J 78 -26.35 -12.85 -16.71
C ARG J 78 -24.91 -12.48 -16.40
N ILE J 79 -24.74 -11.45 -15.57
CA ILE J 79 -23.40 -11.01 -15.17
C ILE J 79 -22.86 -11.96 -14.12
N ILE J 80 -21.71 -12.55 -14.39
CA ILE J 80 -21.05 -13.53 -13.52
C ILE J 80 -19.80 -12.81 -13.00
N PRO J 81 -19.31 -13.12 -11.79
CA PRO J 81 -18.03 -12.53 -11.33
C PRO J 81 -16.86 -12.80 -12.25
N ARG J 82 -16.87 -13.92 -12.99
CA ARG J 82 -15.89 -14.14 -14.05
C ARG J 82 -15.99 -13.06 -15.12
N HIS J 83 -17.21 -12.64 -15.47
CA HIS J 83 -17.40 -11.59 -16.47
C HIS J 83 -16.89 -10.25 -15.97
N LEU J 84 -17.10 -9.96 -14.68
CA LEU J 84 -16.58 -8.75 -14.07
C LEU J 84 -15.06 -8.75 -14.05
N GLN J 85 -14.47 -9.91 -13.73
CA GLN J 85 -13.01 -10.02 -13.72
C GLN J 85 -12.43 -9.83 -15.11
N LEU J 86 -13.06 -10.44 -16.13
CA LEU J 86 -12.63 -10.24 -17.50
C LEU J 86 -12.85 -8.81 -17.97
N ALA J 87 -13.84 -8.11 -17.42
CA ALA J 87 -14.05 -6.72 -17.78
C ALA J 87 -12.98 -5.81 -17.20
N VAL J 88 -12.66 -5.97 -15.91
CA VAL J 88 -11.71 -5.06 -15.29
C VAL J 88 -10.26 -5.42 -15.61
N ARG J 89 -9.96 -6.69 -15.88
CA ARG J 89 -8.57 -7.03 -16.18
C ARG J 89 -8.17 -6.79 -17.63
N ASN J 90 -9.12 -6.78 -18.56
CA ASN J 90 -8.79 -6.55 -19.96
C ASN J 90 -8.72 -5.08 -20.32
N ASP J 91 -9.06 -4.19 -19.40
CA ASP J 91 -9.12 -2.75 -19.64
C ASP J 91 -8.05 -2.14 -18.73
N GLU J 92 -7.25 -1.23 -19.29
CA GLU J 92 -5.93 -0.95 -18.69
C GLU J 92 -6.03 0.00 -17.49
N GLU J 93 -6.72 1.14 -17.63
CA GLU J 93 -6.85 2.03 -16.49
C GLU J 93 -7.83 1.47 -15.47
N LEU J 94 -8.75 0.61 -15.89
CA LEU J 94 -9.59 -0.11 -14.95
C LEU J 94 -8.79 -1.09 -14.12
N ASN J 95 -7.76 -1.71 -14.71
CA ASN J 95 -6.87 -2.56 -13.94
C ASN J 95 -5.93 -1.73 -13.08
N LYS J 96 -5.58 -0.52 -13.52
CA LYS J 96 -4.75 0.37 -12.71
C LYS J 96 -5.51 0.84 -11.47
N LEU J 97 -6.79 1.14 -11.61
CA LEU J 97 -7.61 1.52 -10.46
C LEU J 97 -7.84 0.32 -9.54
N LEU J 98 -7.95 -0.87 -10.10
CA LEU J 98 -8.30 -2.08 -9.37
C LEU J 98 -7.13 -3.06 -9.31
N GLY J 99 -5.91 -2.55 -9.10
CA GLY J 99 -4.75 -3.41 -9.07
C GLY J 99 -4.55 -4.16 -7.77
N ARG J 100 -4.96 -3.57 -6.65
CA ARG J 100 -4.74 -4.16 -5.33
C ARG J 100 -5.96 -4.88 -4.79
N VAL J 101 -6.99 -5.06 -5.61
CA VAL J 101 -8.17 -5.81 -5.19
C VAL J 101 -8.09 -7.19 -5.83
N THR J 102 -8.75 -8.14 -5.20
CA THR J 102 -8.94 -9.47 -5.78
C THR J 102 -10.44 -9.74 -5.88
N ILE J 103 -10.86 -10.27 -7.01
CA ILE J 103 -12.27 -10.52 -7.28
C ILE J 103 -12.58 -11.98 -7.02
N ALA J 104 -13.52 -12.24 -6.10
CA ALA J 104 -13.86 -13.61 -5.75
C ALA J 104 -14.62 -14.30 -6.88
N GLN J 105 -14.28 -15.57 -7.09
CA GLN J 105 -14.81 -16.44 -8.16
C GLN J 105 -14.64 -15.80 -9.53
N GLY J 106 -13.50 -15.16 -9.75
CA GLY J 106 -13.26 -14.44 -10.99
C GLY J 106 -12.19 -15.02 -11.88
N GLY J 107 -11.27 -15.79 -11.30
CA GLY J 107 -10.21 -16.40 -12.08
C GLY J 107 -9.18 -15.39 -12.57
N VAL J 108 -8.43 -15.81 -13.59
CA VAL J 108 -7.38 -15.00 -14.19
C VAL J 108 -7.63 -14.91 -15.69
N LEU J 109 -6.91 -13.99 -16.34
CA LEU J 109 -6.91 -13.93 -17.78
C LEU J 109 -6.19 -15.14 -18.36
N PRO J 110 -6.66 -15.69 -19.48
CA PRO J 110 -5.92 -16.79 -20.13
C PRO J 110 -4.79 -16.25 -20.98
N ASN J 111 -3.56 -16.44 -20.50
CA ASN J 111 -2.38 -15.96 -21.21
C ASN J 111 -1.27 -17.00 -21.12
N ILE J 112 -0.48 -17.09 -22.18
CA ILE J 112 0.67 -17.99 -22.25
C ILE J 112 1.89 -17.15 -22.57
N GLN J 113 3.01 -17.43 -21.88
CA GLN J 113 4.28 -16.85 -22.28
C GLN J 113 4.71 -17.45 -23.62
N SER J 114 5.36 -16.61 -24.44
CA SER J 114 5.66 -16.98 -25.81
C SER J 114 6.70 -18.08 -25.93
N VAL J 115 7.54 -18.24 -24.92
CA VAL J 115 8.55 -19.30 -24.95
C VAL J 115 7.95 -20.63 -24.50
N LEU J 116 6.71 -20.62 -23.99
CA LEU J 116 6.14 -21.85 -23.43
C LEU J 116 5.52 -22.73 -24.51
N LEU J 117 5.11 -22.15 -25.63
CA LEU J 117 4.50 -22.93 -26.70
C LEU J 117 5.56 -23.81 -27.37
N PRO J 118 5.21 -25.02 -27.78
CA PRO J 118 6.20 -25.90 -28.42
C PRO J 118 6.51 -25.43 -29.84
N LYS J 119 7.64 -25.94 -30.35
CA LYS J 119 8.22 -25.61 -31.65
C LYS J 119 8.44 -24.11 -31.82
#